data_7BYS
#
_entry.id   7BYS
#
_cell.length_a   40.470
_cell.length_b   66.262
_cell.length_c   74.021
_cell.angle_alpha   72.030
_cell.angle_beta   84.680
_cell.angle_gamma   82.150
#
_symmetry.space_group_name_H-M   'P 1'
#
loop_
_entity.id
_entity.type
_entity.pdbx_description
1 polymer 'Galactan 1,3-beta-galactosidase'
2 branched beta-D-mannopyranose-(1-4)-2-acetamido-2-deoxy-beta-D-glucopyranose-(1-4)-2-acetamido-2-deoxy-beta-D-glucopyranose
3 non-polymer 2-acetamido-2-deoxy-beta-D-glucopyranose
4 non-polymer 'CALCIUM ION'
5 non-polymer 'CITRIC ACID'
6 water water
#
_entity_poly.entity_id   1
_entity_poly.type   'polypeptide(L)'
_entity_poly.pdbx_seq_one_letter_code
;NQIVSGAAWTDTAGNTIQAHGAGILQVGSTFYWFGEDKSHNSALFKAVSCYTSSDLVNWSRQNDALSPIAGTMISTSNVV
ERPKVIFNQKNSEYVMWFHSDSSNYGAAMVGVATAKTPCGPYTYKGSFKPLGADSRDESIFQDDDSAQTAYLLYASDNNQ
NFKISRLDANYYNVTAQVSVMNGATLEAPGIVKHNGEYFLIASHTSGWAPNPNKWFSASSLAGPWSAQQDIAPSATRTWY
SQNAFDLPLGSNAIYMGDRWRPSLLGSSRYIWYPLDFSSGAPQIVHADVWSVNVQAGTYSVASGTSYEAENGQRGGSSTI
LSGSGFSGGKAVGYLGHGGTVTINNVQSNGGSHWVALYFANGDSTYRNVTVSVNGGPSVLVDQPDSGGGNVVISVPVKLN
LNSGENSITFGSGQSNYAADLDKIIVY
;
_entity_poly.pdbx_strand_id   A,B
#
# COMPACT_ATOMS: atom_id res chain seq x y z
N ASN A 1 -12.31 19.49 16.28
CA ASN A 1 -11.43 19.24 15.14
C ASN A 1 -11.62 17.82 14.60
N GLN A 2 -12.58 17.64 13.69
CA GLN A 2 -12.79 16.36 13.04
C GLN A 2 -12.86 16.58 11.54
N ILE A 3 -11.99 15.90 10.80
CA ILE A 3 -12.01 15.88 9.34
C ILE A 3 -12.70 14.61 8.91
N VAL A 4 -13.86 14.75 8.25
CA VAL A 4 -14.77 13.64 8.02
C VAL A 4 -15.05 13.57 6.52
N SER A 5 -14.28 12.76 5.80
CA SER A 5 -14.34 12.74 4.35
C SER A 5 -15.68 12.21 3.87
N GLY A 6 -16.31 12.94 2.95
CA GLY A 6 -17.58 12.58 2.40
C GLY A 6 -18.73 13.36 2.98
N ALA A 7 -18.55 13.96 4.14
CA ALA A 7 -19.59 14.77 4.75
C ALA A 7 -19.71 16.10 4.03
N ALA A 8 -20.85 16.77 4.21
CA ALA A 8 -21.07 18.11 3.69
C ALA A 8 -20.39 19.10 4.64
N TRP A 9 -19.19 19.55 4.29
CA TRP A 9 -18.43 20.43 5.15
C TRP A 9 -18.92 21.86 5.00
N THR A 10 -19.06 22.54 6.12
CA THR A 10 -19.57 23.90 6.13
C THR A 10 -18.50 24.86 6.64
N ASP A 11 -18.57 26.08 6.15
CA ASP A 11 -17.71 27.15 6.61
C ASP A 11 -18.24 27.70 7.94
N THR A 12 -17.58 28.75 8.47
CA THR A 12 -18.00 29.31 9.75
C THR A 12 -19.39 29.91 9.69
N ALA A 13 -19.89 30.22 8.49
CA ALA A 13 -21.26 30.71 8.31
C ALA A 13 -22.28 29.58 8.26
N GLY A 14 -21.85 28.32 8.23
CA GLY A 14 -22.75 27.19 8.06
C GLY A 14 -23.13 26.90 6.63
N ASN A 15 -22.50 27.55 5.65
CA ASN A 15 -22.74 27.28 4.25
C ASN A 15 -21.75 26.22 3.77
N THR A 16 -22.22 25.38 2.85
CA THR A 16 -21.34 24.35 2.29
C THR A 16 -20.13 24.98 1.61
N ILE A 17 -18.93 24.48 1.92
CA ILE A 17 -17.72 25.00 1.32
C ILE A 17 -17.73 24.71 -0.18
N GLN A 18 -17.40 25.72 -0.98
CA GLN A 18 -17.34 25.64 -2.43
C GLN A 18 -15.92 25.97 -2.88
N ALA A 19 -15.04 24.99 -2.80
CA ALA A 19 -13.63 25.17 -3.13
C ALA A 19 -13.08 23.87 -3.71
N HIS A 20 -13.68 23.41 -4.80
CA HIS A 20 -13.25 22.19 -5.47
C HIS A 20 -11.97 22.44 -6.25
N GLY A 21 -11.20 21.37 -6.48
CA GLY A 21 -9.92 21.55 -7.14
C GLY A 21 -8.94 22.36 -6.30
N ALA A 22 -8.85 22.04 -5.00
CA ALA A 22 -8.20 22.86 -3.98
C ALA A 22 -6.80 23.32 -4.38
N GLY A 23 -6.50 24.57 -4.04
CA GLY A 23 -5.14 25.06 -3.91
C GLY A 23 -4.97 25.68 -2.54
N ILE A 24 -3.92 25.29 -1.80
CA ILE A 24 -3.67 25.79 -0.47
C ILE A 24 -2.47 26.74 -0.50
N LEU A 25 -2.54 27.81 0.28
CA LEU A 25 -1.47 28.76 0.46
C LEU A 25 -1.32 29.02 1.96
N GLN A 26 -0.10 29.06 2.44
CA GLN A 26 0.16 29.43 3.83
C GLN A 26 0.88 30.77 3.86
N VAL A 27 0.33 31.71 4.63
CA VAL A 27 0.95 33.01 4.86
C VAL A 27 1.09 33.17 6.36
N GLY A 28 2.32 33.13 6.86
CA GLY A 28 2.49 33.11 8.30
C GLY A 28 1.79 31.89 8.85
N SER A 29 0.94 32.11 9.86
CA SER A 29 0.21 31.03 10.49
C SER A 29 -1.21 30.86 9.92
N THR A 30 -1.57 31.60 8.87
CA THR A 30 -2.91 31.52 8.29
C THR A 30 -2.87 30.71 7.01
N PHE A 31 -3.84 29.81 6.87
CA PHE A 31 -3.98 29.00 5.68
C PHE A 31 -5.12 29.54 4.83
N TYR A 32 -4.93 29.50 3.51
CA TYR A 32 -5.87 29.98 2.51
C TYR A 32 -6.21 28.81 1.59
N TRP A 33 -7.51 28.53 1.47
CA TRP A 33 -8.01 27.49 0.59
C TRP A 33 -8.73 28.18 -0.56
N PHE A 34 -8.16 28.06 -1.75
CA PHE A 34 -8.76 28.55 -2.99
C PHE A 34 -9.38 27.38 -3.72
N GLY A 35 -10.49 27.62 -4.40
CA GLY A 35 -11.06 26.53 -5.16
C GLY A 35 -12.14 27.02 -6.09
N GLU A 36 -12.70 26.07 -6.83
CA GLU A 36 -13.80 26.34 -7.74
C GLU A 36 -15.11 26.42 -6.98
N ASP A 37 -15.85 27.52 -7.17
CA ASP A 37 -17.21 27.64 -6.60
C ASP A 37 -18.16 26.97 -7.58
N LYS A 38 -18.75 25.86 -7.16
CA LYS A 38 -19.68 25.14 -8.03
C LYS A 38 -21.09 25.14 -7.45
N SER A 39 -21.45 26.20 -6.71
CA SER A 39 -22.69 26.18 -5.93
C SER A 39 -23.95 26.12 -6.80
N HIS A 40 -23.86 26.43 -8.08
CA HIS A 40 -25.01 26.26 -8.96
C HIS A 40 -24.89 25.05 -9.88
N ASN A 41 -24.09 24.07 -9.45
CA ASN A 41 -23.99 22.77 -10.11
C ASN A 41 -23.54 22.89 -11.56
N SER A 42 -22.71 23.88 -11.83
CA SER A 42 -22.19 24.16 -13.16
C SER A 42 -20.73 23.74 -13.25
N ALA A 43 -20.34 23.30 -14.45
CA ALA A 43 -18.94 23.09 -14.76
C ALA A 43 -18.24 24.36 -15.20
N LEU A 44 -19.01 25.44 -15.38
CA LEU A 44 -18.49 26.70 -15.89
C LEU A 44 -18.14 27.63 -14.74
N PHE A 45 -17.47 28.73 -15.08
CA PHE A 45 -16.85 29.57 -14.08
C PHE A 45 -17.88 30.43 -13.36
N LYS A 46 -17.93 30.29 -12.04
CA LYS A 46 -18.65 31.21 -11.16
C LYS A 46 -17.70 32.06 -10.33
N ALA A 47 -16.74 31.43 -9.66
CA ALA A 47 -15.75 32.19 -8.90
C ALA A 47 -14.63 31.25 -8.47
N VAL A 48 -13.46 31.83 -8.22
CA VAL A 48 -12.46 31.20 -7.37
C VAL A 48 -12.71 31.73 -5.96
N SER A 49 -13.11 30.85 -5.05
CA SER A 49 -13.36 31.18 -3.67
C SER A 49 -12.08 31.32 -2.88
N CYS A 50 -12.21 31.92 -1.69
CA CYS A 50 -11.08 32.10 -0.79
C CYS A 50 -11.58 31.93 0.64
N TYR A 51 -11.08 30.90 1.32
CA TYR A 51 -11.42 30.63 2.72
C TYR A 51 -10.14 30.65 3.54
N THR A 52 -10.24 31.14 4.77
CA THR A 52 -9.08 31.21 5.65
C THR A 52 -9.28 30.37 6.90
N SER A 53 -8.17 29.89 7.46
CA SER A 53 -8.24 29.13 8.70
C SER A 53 -6.86 29.13 9.34
N SER A 54 -6.83 28.98 10.66
CA SER A 54 -5.58 28.73 11.37
C SER A 54 -5.38 27.27 11.74
N ASP A 55 -6.41 26.43 11.58
CA ASP A 55 -6.36 25.05 12.04
C ASP A 55 -6.69 24.00 10.98
N LEU A 56 -6.98 24.42 9.74
CA LEU A 56 -7.32 23.56 8.60
C LEU A 56 -8.72 22.95 8.69
N VAL A 57 -9.54 23.34 9.67
CA VAL A 57 -10.84 22.71 9.83
C VAL A 57 -11.98 23.72 9.88
N ASN A 58 -11.72 24.85 10.53
CA ASN A 58 -12.71 25.92 10.65
C ASN A 58 -12.39 27.01 9.63
N TRP A 59 -13.14 27.04 8.55
CA TRP A 59 -12.84 27.85 7.38
C TRP A 59 -13.81 29.02 7.30
N SER A 60 -13.27 30.22 7.15
CA SER A 60 -14.03 31.45 7.10
C SER A 60 -13.99 31.99 5.67
N ARG A 61 -15.15 32.13 5.05
CA ARG A 61 -15.20 32.57 3.66
C ARG A 61 -14.98 34.07 3.52
N GLN A 62 -14.00 34.45 2.71
CA GLN A 62 -13.76 35.84 2.38
C GLN A 62 -14.37 36.13 1.01
N ASN A 63 -14.29 37.39 0.61
CA ASN A 63 -14.73 37.74 -0.75
C ASN A 63 -13.97 36.89 -1.76
N ASP A 64 -14.64 36.57 -2.87
CA ASP A 64 -14.04 35.70 -3.88
C ASP A 64 -12.72 36.27 -4.38
N ALA A 65 -11.76 35.37 -4.63
CA ALA A 65 -10.46 35.80 -5.11
C ALA A 65 -10.47 36.12 -6.60
N LEU A 66 -11.32 35.45 -7.38
CA LEU A 66 -11.40 35.72 -8.81
C LEU A 66 -12.85 35.62 -9.25
N SER A 67 -13.28 36.59 -10.06
CA SER A 67 -14.66 36.70 -10.48
C SER A 67 -14.71 36.77 -11.99
N PRO A 68 -15.85 36.43 -12.60
CA PRO A 68 -15.93 36.38 -14.07
C PRO A 68 -15.88 37.76 -14.71
N ILE A 69 -15.43 37.76 -15.96
CA ILE A 69 -15.48 38.95 -16.81
C ILE A 69 -16.08 38.53 -18.14
N ALA A 70 -17.24 39.12 -18.47
CA ALA A 70 -17.90 38.80 -19.73
C ALA A 70 -16.99 39.15 -20.90
N GLY A 71 -17.04 38.32 -21.95
CA GLY A 71 -16.27 38.58 -23.15
C GLY A 71 -14.82 38.20 -23.07
N THR A 72 -14.38 37.53 -22.02
CA THR A 72 -13.01 37.06 -21.88
C THR A 72 -13.03 35.55 -21.70
N MET A 73 -11.85 34.97 -21.61
CA MET A 73 -11.73 33.55 -21.33
C MET A 73 -12.05 33.21 -19.88
N ILE A 74 -12.31 34.20 -19.02
CA ILE A 74 -12.84 33.93 -17.69
C ILE A 74 -14.28 34.41 -17.56
N SER A 75 -15.04 34.30 -18.64
CA SER A 75 -16.47 34.55 -18.57
C SER A 75 -17.19 33.37 -17.90
N THR A 76 -18.48 33.57 -17.59
CA THR A 76 -19.27 32.50 -16.99
C THR A 76 -19.61 31.39 -17.97
N SER A 77 -19.18 31.49 -19.22
CA SER A 77 -19.32 30.42 -20.20
C SER A 77 -18.03 29.65 -20.41
N ASN A 78 -16.98 29.97 -19.66
CA ASN A 78 -15.68 29.32 -19.80
C ASN A 78 -15.37 28.48 -18.56
N VAL A 79 -14.24 27.79 -18.62
CA VAL A 79 -13.79 26.87 -17.57
C VAL A 79 -12.61 27.50 -16.83
N VAL A 80 -12.70 27.52 -15.50
CA VAL A 80 -11.59 27.93 -14.63
C VAL A 80 -11.47 26.83 -13.58
N GLU A 81 -10.37 26.08 -13.61
CA GLU A 81 -10.24 24.90 -12.77
C GLU A 81 -8.92 24.87 -12.04
N ARG A 82 -8.93 24.22 -10.89
CA ARG A 82 -7.74 23.89 -10.12
C ARG A 82 -6.84 25.10 -9.85
N PRO A 83 -7.38 26.17 -9.25
CA PRO A 83 -6.55 27.32 -8.92
C PRO A 83 -5.45 26.96 -7.94
N LYS A 84 -4.32 27.65 -8.05
CA LYS A 84 -3.16 27.46 -7.18
C LYS A 84 -2.57 28.85 -6.99
N VAL A 85 -2.11 29.16 -5.77
CA VAL A 85 -1.57 30.48 -5.47
C VAL A 85 -0.26 30.33 -4.72
N ILE A 86 0.77 31.06 -5.19
CA ILE A 86 2.05 31.14 -4.49
C ILE A 86 2.45 32.60 -4.34
N PHE A 87 3.26 32.88 -3.32
CA PHE A 87 3.71 34.24 -3.04
C PHE A 87 5.08 34.46 -3.65
N ASN A 88 5.20 35.54 -4.42
CA ASN A 88 6.47 35.94 -5.03
C ASN A 88 7.13 36.98 -4.13
N GLN A 89 8.22 36.58 -3.49
CA GLN A 89 8.94 37.47 -2.57
C GLN A 89 9.59 38.64 -3.28
N LYS A 90 10.17 38.40 -4.46
CA LYS A 90 10.84 39.48 -5.18
C LYS A 90 9.90 40.64 -5.45
N ASN A 91 8.64 40.35 -5.81
CA ASN A 91 7.67 41.37 -6.19
C ASN A 91 6.65 41.67 -5.10
N SER A 92 6.71 40.95 -3.98
CA SER A 92 5.70 41.02 -2.92
C SER A 92 4.28 40.88 -3.49
N GLU A 93 4.10 39.83 -4.30
CA GLU A 93 2.88 39.65 -5.06
C GLU A 93 2.43 38.20 -4.96
N TYR A 94 1.12 38.02 -4.80
CA TYR A 94 0.50 36.70 -4.88
C TYR A 94 0.14 36.42 -6.32
N VAL A 95 0.49 35.23 -6.80
CA VAL A 95 0.27 34.86 -8.19
C VAL A 95 -0.57 33.60 -8.22
N MET A 96 -1.73 33.70 -8.86
CA MET A 96 -2.65 32.59 -9.05
C MET A 96 -2.50 32.03 -10.46
N TRP A 97 -2.37 30.71 -10.57
CA TRP A 97 -2.46 30.01 -11.84
C TRP A 97 -3.68 29.10 -11.83
N PHE A 98 -4.25 28.86 -13.01
CA PHE A 98 -5.39 27.97 -13.11
C PHE A 98 -5.46 27.38 -14.51
N HIS A 99 -6.19 26.28 -14.64
CA HIS A 99 -6.51 25.71 -15.93
C HIS A 99 -7.61 26.57 -16.55
N SER A 100 -7.33 27.16 -17.70
CA SER A 100 -8.24 28.03 -18.41
C SER A 100 -8.69 27.31 -19.68
N ASP A 101 -10.01 27.17 -19.87
CA ASP A 101 -10.45 26.39 -21.02
C ASP A 101 -11.81 26.86 -21.51
N SER A 102 -12.19 26.35 -22.68
CA SER A 102 -13.54 26.38 -23.19
C SER A 102 -14.33 25.21 -22.62
N SER A 103 -15.66 25.26 -22.79
CA SER A 103 -16.51 24.23 -22.19
C SER A 103 -16.26 22.85 -22.80
N ASN A 104 -15.72 22.77 -24.01
CA ASN A 104 -15.39 21.49 -24.62
C ASN A 104 -13.95 21.06 -24.35
N TYR A 105 -13.21 21.80 -23.52
CA TYR A 105 -11.82 21.50 -23.15
C TYR A 105 -10.88 21.48 -24.36
N GLY A 106 -11.23 22.20 -25.43
CA GLY A 106 -10.40 22.25 -26.61
C GLY A 106 -9.34 23.31 -26.63
N ALA A 107 -9.38 24.27 -25.71
CA ALA A 107 -8.43 25.38 -25.68
C ALA A 107 -7.14 25.05 -24.94
N ALA A 108 -7.23 24.29 -23.85
CA ALA A 108 -6.07 23.75 -23.14
C ALA A 108 -5.02 24.81 -22.81
N MET A 109 -5.42 25.79 -22.00
CA MET A 109 -4.53 26.88 -21.62
C MET A 109 -4.38 26.96 -20.10
N VAL A 110 -3.41 27.77 -19.68
CA VAL A 110 -3.32 28.22 -18.29
C VAL A 110 -3.80 29.66 -18.26
N GLY A 111 -4.26 30.09 -17.10
CA GLY A 111 -4.54 31.50 -16.85
C GLY A 111 -3.75 31.95 -15.64
N VAL A 112 -3.44 33.25 -15.59
CA VAL A 112 -2.65 33.86 -14.52
C VAL A 112 -3.39 35.08 -14.00
N ALA A 113 -3.39 35.27 -12.69
CA ALA A 113 -3.94 36.48 -12.07
C ALA A 113 -3.07 36.84 -10.87
N THR A 114 -3.11 38.11 -10.47
CA THR A 114 -2.20 38.59 -9.43
C THR A 114 -2.94 39.43 -8.39
N ALA A 115 -2.36 39.52 -7.21
CA ALA A 115 -2.91 40.38 -6.17
C ALA A 115 -1.84 40.75 -5.17
N LYS A 116 -2.10 41.82 -4.42
CA LYS A 116 -1.18 42.23 -3.36
C LYS A 116 -1.54 41.64 -1.99
N THR A 117 -2.71 41.04 -1.85
CA THR A 117 -3.12 40.39 -0.61
C THR A 117 -3.56 38.97 -0.96
N PRO A 118 -3.49 38.04 0.01
CA PRO A 118 -3.78 36.64 -0.32
C PRO A 118 -5.16 36.38 -0.89
N CYS A 119 -6.22 37.02 -0.39
CA CYS A 119 -7.53 36.77 -0.98
C CYS A 119 -7.87 37.77 -2.09
N GLY A 120 -7.00 38.73 -2.36
CA GLY A 120 -7.23 39.64 -3.45
C GLY A 120 -8.35 40.60 -3.14
N PRO A 121 -9.30 40.77 -4.08
CA PRO A 121 -9.48 40.04 -5.34
C PRO A 121 -8.33 40.18 -6.32
N TYR A 122 -8.16 39.16 -7.16
CA TYR A 122 -7.06 39.08 -8.10
C TYR A 122 -7.43 39.73 -9.42
N THR A 123 -6.40 40.14 -10.16
CA THR A 123 -6.55 40.77 -11.47
C THR A 123 -6.03 39.82 -12.54
N TYR A 124 -6.91 39.41 -13.44
CA TYR A 124 -6.58 38.44 -14.47
C TYR A 124 -5.65 39.09 -15.50
N LYS A 125 -4.61 38.37 -15.88
CA LYS A 125 -3.59 38.85 -16.81
C LYS A 125 -3.70 38.21 -18.19
N GLY A 126 -4.58 37.24 -18.37
CA GLY A 126 -4.66 36.55 -19.63
C GLY A 126 -4.38 35.07 -19.55
N SER A 127 -4.77 34.35 -20.60
CA SER A 127 -4.54 32.92 -20.71
C SER A 127 -3.64 32.61 -21.89
N PHE A 128 -2.90 31.49 -21.79
CA PHE A 128 -1.96 31.13 -22.84
C PHE A 128 -1.62 29.64 -22.76
N LYS A 129 -1.01 29.12 -23.84
CA LYS A 129 -0.48 27.76 -23.86
C LYS A 129 0.99 27.80 -23.44
N PRO A 130 1.39 27.07 -22.39
CA PRO A 130 2.78 27.11 -21.95
C PRO A 130 3.73 26.49 -22.97
N LEU A 131 4.74 27.26 -23.36
CA LEU A 131 5.65 26.92 -24.46
C LEU A 131 4.90 26.53 -25.72
N GLY A 132 3.66 27.01 -25.87
CA GLY A 132 2.86 26.73 -27.03
C GLY A 132 2.16 25.39 -27.03
N ALA A 133 2.30 24.59 -25.98
CA ALA A 133 1.71 23.26 -25.91
C ALA A 133 0.49 23.27 -25.00
N ASP A 134 -0.29 22.19 -25.09
CA ASP A 134 -1.49 22.05 -24.28
C ASP A 134 -1.15 22.06 -22.79
N SER A 135 -2.06 22.63 -22.02
CA SER A 135 -2.07 22.44 -20.57
C SER A 135 -3.51 22.30 -20.14
N ARG A 136 -3.83 21.17 -19.49
CA ARG A 136 -5.18 20.97 -18.96
C ARG A 136 -5.11 20.92 -17.44
N ASP A 137 -5.29 19.76 -16.80
CA ASP A 137 -5.10 19.72 -15.35
C ASP A 137 -3.69 20.19 -15.03
N GLU A 138 -3.56 21.02 -14.00
CA GLU A 138 -2.25 21.56 -13.66
C GLU A 138 -2.14 21.74 -12.15
N SER A 139 -0.91 21.93 -11.70
CA SER A 139 -0.67 22.48 -10.38
C SER A 139 0.57 23.37 -10.46
N ILE A 140 0.83 24.06 -9.36
CA ILE A 140 2.03 24.90 -9.20
C ILE A 140 2.75 24.39 -7.97
N PHE A 141 4.04 24.10 -8.11
CA PHE A 141 4.87 23.71 -6.97
C PHE A 141 5.94 24.79 -6.76
N GLN A 142 6.07 25.26 -5.52
CA GLN A 142 7.09 26.22 -5.15
C GLN A 142 8.14 25.52 -4.28
N ASP A 143 9.37 25.49 -4.76
CA ASP A 143 10.45 24.86 -4.01
C ASP A 143 10.92 25.78 -2.89
N ASP A 144 11.74 25.21 -2.00
CA ASP A 144 12.25 25.93 -0.84
C ASP A 144 13.74 26.24 -0.98
N ASP A 145 14.24 26.31 -2.21
CA ASP A 145 15.56 26.87 -2.46
C ASP A 145 15.53 28.37 -2.24
N SER A 146 16.70 29.00 -2.39
CA SER A 146 16.82 30.42 -2.06
C SER A 146 15.95 31.29 -2.96
N ALA A 147 15.83 30.92 -4.23
CA ALA A 147 15.01 31.68 -5.16
C ALA A 147 13.53 31.32 -5.08
N GLN A 148 13.15 30.33 -4.26
CA GLN A 148 11.78 29.82 -4.24
C GLN A 148 11.32 29.54 -5.66
N THR A 149 12.11 28.74 -6.37
CA THR A 149 11.83 28.46 -7.76
C THR A 149 10.51 27.71 -7.87
N ALA A 150 9.68 28.12 -8.82
CA ALA A 150 8.35 27.55 -8.98
C ALA A 150 8.24 26.82 -10.31
N TYR A 151 7.30 25.86 -10.35
CA TYR A 151 7.13 24.96 -11.48
C TYR A 151 5.66 24.75 -11.77
N LEU A 152 5.33 24.73 -13.07
CA LEU A 152 4.03 24.28 -13.54
C LEU A 152 4.10 22.77 -13.75
N LEU A 153 3.13 22.05 -13.20
CA LEU A 153 2.96 20.61 -13.39
C LEU A 153 1.70 20.46 -14.22
N TYR A 154 1.77 19.75 -15.35
CA TYR A 154 0.62 19.84 -16.26
C TYR A 154 0.49 18.65 -17.19
N ALA A 155 -0.77 18.28 -17.44
CA ALA A 155 -1.13 17.32 -18.48
C ALA A 155 -1.11 18.04 -19.83
N SER A 156 -0.28 17.55 -20.75
CA SER A 156 -0.04 18.23 -22.01
C SER A 156 -0.30 17.26 -23.15
N ASP A 157 -0.20 17.78 -24.38
CA ASP A 157 -0.32 17.00 -25.61
C ASP A 157 -1.55 16.08 -25.59
N ASN A 158 -2.71 16.71 -25.52
CA ASN A 158 -4.00 16.00 -25.49
C ASN A 158 -4.04 14.99 -24.33
N ASN A 159 -3.51 15.41 -23.18
CA ASN A 159 -3.44 14.66 -21.93
C ASN A 159 -2.44 13.50 -21.96
N GLN A 160 -1.73 13.28 -23.07
CA GLN A 160 -0.89 12.09 -23.18
C GLN A 160 0.45 12.22 -22.46
N ASN A 161 1.04 13.41 -22.42
CA ASN A 161 2.40 13.60 -21.93
C ASN A 161 2.36 14.53 -20.74
N PHE A 162 2.90 14.08 -19.62
CA PHE A 162 2.90 14.86 -18.39
C PHE A 162 4.19 15.65 -18.27
N LYS A 163 4.07 16.95 -18.01
CA LYS A 163 5.20 17.85 -18.04
C LYS A 163 5.38 18.59 -16.72
N ILE A 164 6.64 18.86 -16.39
CA ILE A 164 7.02 19.78 -15.33
C ILE A 164 7.90 20.83 -15.97
N SER A 165 7.57 22.10 -15.78
CA SER A 165 8.32 23.17 -16.41
C SER A 165 8.53 24.30 -15.42
N ARG A 166 9.69 24.95 -15.48
CA ARG A 166 10.04 26.00 -14.54
C ARG A 166 9.44 27.34 -14.95
N LEU A 167 8.95 28.08 -13.95
CA LEU A 167 8.43 29.43 -14.16
C LEU A 167 9.55 30.45 -14.06
N ASP A 168 9.36 31.59 -14.73
CA ASP A 168 10.29 32.70 -14.62
C ASP A 168 10.23 33.31 -13.22
N ALA A 169 11.10 34.29 -12.98
CA ALA A 169 11.26 34.84 -11.64
C ALA A 169 10.07 35.67 -11.19
N ASN A 170 9.17 36.07 -12.10
CA ASN A 170 7.93 36.74 -11.72
C ASN A 170 6.80 35.76 -11.48
N TYR A 171 7.01 34.48 -11.77
CA TYR A 171 5.92 33.49 -11.79
C TYR A 171 4.84 33.83 -12.83
N TYR A 172 5.20 34.52 -13.90
CA TYR A 172 4.23 34.96 -14.90
C TYR A 172 4.19 34.07 -16.14
N ASN A 173 5.22 33.27 -16.36
CA ASN A 173 5.36 32.56 -17.61
C ASN A 173 6.27 31.37 -17.40
N VAL A 174 6.16 30.38 -18.28
CA VAL A 174 7.00 29.19 -18.25
C VAL A 174 8.24 29.45 -19.09
N THR A 175 9.42 29.19 -18.51
CA THR A 175 10.70 29.48 -19.16
C THR A 175 11.38 28.27 -19.78
N ALA A 176 11.36 27.11 -19.11
CA ALA A 176 12.09 25.94 -19.59
C ALA A 176 11.34 24.69 -19.17
N GLN A 177 11.32 23.69 -20.05
CA GLN A 177 10.86 22.37 -19.65
C GLN A 177 11.90 21.72 -18.77
N VAL A 178 11.43 21.00 -17.75
CA VAL A 178 12.31 20.35 -16.80
C VAL A 178 12.19 18.83 -16.87
N SER A 179 10.97 18.33 -17.05
CA SER A 179 10.71 16.89 -17.08
C SER A 179 9.52 16.64 -17.99
N VAL A 180 9.56 15.53 -18.71
CA VAL A 180 8.39 15.05 -19.45
C VAL A 180 8.28 13.55 -19.30
N MET A 181 7.08 13.07 -19.01
CA MET A 181 6.77 11.65 -19.00
C MET A 181 5.85 11.41 -20.19
N ASN A 182 6.44 10.95 -21.29
CA ASN A 182 5.68 10.76 -22.52
C ASN A 182 4.76 9.53 -22.40
N GLY A 183 3.51 9.70 -22.83
CA GLY A 183 2.55 8.62 -22.80
C GLY A 183 2.03 8.26 -21.44
N ALA A 184 2.30 9.08 -20.42
CA ALA A 184 1.96 8.75 -19.03
C ALA A 184 0.48 8.93 -18.70
N THR A 185 -0.25 9.71 -19.48
CA THR A 185 -1.69 9.98 -19.27
C THR A 185 -2.00 10.32 -17.81
N LEU A 186 -1.25 11.27 -17.27
CA LEU A 186 -1.41 11.67 -15.89
C LEU A 186 -2.12 13.01 -15.82
N GLU A 187 -2.96 13.16 -14.80
CA GLU A 187 -3.58 14.45 -14.54
C GLU A 187 -3.70 14.65 -13.03
N ALA A 188 -4.44 15.68 -12.63
CA ALA A 188 -4.63 16.05 -11.23
C ALA A 188 -3.33 15.99 -10.41
N PRO A 189 -2.28 16.67 -10.84
CA PRO A 189 -0.98 16.52 -10.16
C PRO A 189 -0.89 17.39 -8.91
N GLY A 190 0.01 16.96 -8.03
CA GLY A 190 0.57 17.83 -7.01
C GLY A 190 1.91 17.29 -6.57
N ILE A 191 2.78 18.17 -6.06
CA ILE A 191 4.07 17.75 -5.52
C ILE A 191 4.21 18.24 -4.09
N VAL A 192 4.69 17.36 -3.23
CA VAL A 192 5.03 17.71 -1.86
C VAL A 192 6.44 17.20 -1.58
N LYS A 193 7.22 18.01 -0.87
CA LYS A 193 8.55 17.57 -0.47
C LYS A 193 8.48 16.75 0.80
N HIS A 194 9.42 15.83 0.92
CA HIS A 194 9.56 15.02 2.12
C HIS A 194 11.01 14.65 2.25
N ASN A 195 11.65 15.13 3.33
CA ASN A 195 13.06 14.87 3.62
C ASN A 195 13.95 15.18 2.41
N GLY A 196 13.69 16.33 1.78
CA GLY A 196 14.49 16.78 0.66
C GLY A 196 14.17 16.14 -0.68
N GLU A 197 13.30 15.14 -0.70
CA GLU A 197 12.90 14.43 -1.91
C GLU A 197 11.55 14.96 -2.37
N TYR A 198 11.30 14.90 -3.67
CA TYR A 198 10.07 15.40 -4.26
C TYR A 198 9.12 14.25 -4.53
N PHE A 199 7.87 14.39 -4.11
CA PHE A 199 6.86 13.35 -4.31
C PHE A 199 5.72 13.92 -5.14
N LEU A 200 5.50 13.32 -6.31
CA LEU A 200 4.43 13.67 -7.21
C LEU A 200 3.27 12.72 -6.99
N ILE A 201 2.08 13.27 -6.79
CA ILE A 201 0.84 12.51 -6.72
C ILE A 201 0.00 12.90 -7.93
N ALA A 202 -0.62 11.93 -8.59
CA ALA A 202 -1.39 12.22 -9.79
C ALA A 202 -2.40 11.11 -10.04
N SER A 203 -3.43 11.44 -10.78
CA SER A 203 -4.38 10.46 -11.28
C SER A 203 -4.03 10.07 -12.71
N HIS A 204 -4.68 9.02 -13.19
CA HIS A 204 -4.72 8.79 -14.63
C HIS A 204 -5.93 9.51 -15.23
N THR A 205 -6.14 9.32 -16.53
CA THR A 205 -7.19 10.03 -17.26
C THR A 205 -8.38 9.10 -17.42
N SER A 206 -9.40 9.29 -16.60
CA SER A 206 -10.64 8.52 -16.73
C SER A 206 -11.85 9.45 -16.66
N GLY A 207 -11.69 10.69 -17.14
CA GLY A 207 -12.78 11.64 -17.09
C GLY A 207 -13.19 11.93 -15.67
N TRP A 208 -14.51 11.98 -15.46
CA TRP A 208 -15.08 12.25 -14.15
C TRP A 208 -14.92 11.08 -13.19
N ALA A 209 -14.78 9.86 -13.70
CA ALA A 209 -14.77 8.70 -12.83
C ALA A 209 -13.46 8.66 -12.05
N PRO A 210 -13.49 8.23 -10.79
CA PRO A 210 -12.23 8.12 -10.03
C PRO A 210 -11.42 6.95 -10.57
N ASN A 211 -10.11 7.02 -10.34
CA ASN A 211 -9.22 5.92 -10.69
C ASN A 211 -8.13 5.80 -9.62
N PRO A 212 -7.35 4.72 -9.61
CA PRO A 212 -6.28 4.60 -8.59
C PRO A 212 -5.20 5.65 -8.80
N ASN A 213 -5.08 6.58 -7.86
CA ASN A 213 -4.07 7.62 -7.96
C ASN A 213 -2.70 7.07 -7.56
N LYS A 214 -1.65 7.70 -8.06
CA LYS A 214 -0.30 7.16 -8.01
C LYS A 214 0.67 8.17 -7.41
N TRP A 215 1.77 7.65 -6.85
CA TRP A 215 2.89 8.46 -6.39
C TRP A 215 4.16 8.10 -7.14
N PHE A 216 5.04 9.09 -7.27
CA PHE A 216 6.36 8.99 -7.90
C PHE A 216 7.29 9.85 -7.06
N SER A 217 8.57 9.48 -6.99
CA SER A 217 9.53 10.32 -6.26
C SER A 217 10.78 10.54 -7.09
N ALA A 218 11.47 11.63 -6.78
CA ALA A 218 12.73 11.97 -7.43
C ALA A 218 13.54 12.85 -6.50
N SER A 219 14.85 12.85 -6.68
CA SER A 219 15.72 13.77 -5.95
C SER A 219 15.84 15.14 -6.62
N SER A 220 15.34 15.27 -7.83
CA SER A 220 15.33 16.52 -8.56
C SER A 220 14.04 16.56 -9.38
N LEU A 221 13.52 17.76 -9.60
CA LEU A 221 12.31 17.87 -10.41
C LEU A 221 12.53 17.40 -11.84
N ALA A 222 13.78 17.39 -12.30
CA ALA A 222 14.11 16.88 -13.63
C ALA A 222 14.06 15.37 -13.71
N GLY A 223 13.86 14.68 -12.59
CA GLY A 223 13.95 13.23 -12.55
C GLY A 223 15.36 12.77 -12.26
N PRO A 224 15.59 11.46 -12.35
CA PRO A 224 14.60 10.46 -12.79
C PRO A 224 13.53 10.19 -11.75
N TRP A 225 12.30 10.09 -12.22
CA TRP A 225 11.17 9.79 -11.35
C TRP A 225 10.97 8.29 -11.25
N SER A 226 10.63 7.83 -10.05
CA SER A 226 10.32 6.41 -9.89
C SER A 226 9.07 6.06 -10.69
N ALA A 227 8.91 4.76 -10.95
CA ALA A 227 7.72 4.28 -11.61
C ALA A 227 6.51 4.38 -10.68
N GLN A 228 5.35 4.64 -11.29
CA GLN A 228 4.12 4.83 -10.52
C GLN A 228 3.86 3.68 -9.54
N GLN A 229 3.38 4.06 -8.35
CA GLN A 229 2.86 3.10 -7.38
C GLN A 229 1.59 3.66 -6.77
N ASP A 230 0.73 2.77 -6.29
CA ASP A 230 -0.55 3.17 -5.72
C ASP A 230 -0.39 3.87 -4.37
N ILE A 231 -1.24 4.88 -4.13
CA ILE A 231 -1.35 5.48 -2.81
C ILE A 231 -2.48 4.87 -1.97
N ALA A 232 -3.32 4.03 -2.56
CA ALA A 232 -4.49 3.47 -1.89
C ALA A 232 -4.81 2.14 -2.54
N PRO A 233 -5.65 1.31 -1.91
CA PRO A 233 -6.02 0.03 -2.54
C PRO A 233 -6.68 0.29 -3.90
N SER A 234 -6.17 -0.39 -4.94
CA SER A 234 -6.56 -0.02 -6.30
C SER A 234 -8.07 -0.15 -6.51
N ALA A 235 -8.69 -1.19 -5.92
CA ALA A 235 -10.12 -1.40 -6.18
C ALA A 235 -10.96 -0.23 -5.70
N THR A 236 -10.48 0.51 -4.71
CA THR A 236 -11.28 1.61 -4.15
C THR A 236 -11.23 2.87 -5.01
N ARG A 237 -10.37 2.94 -6.01
CA ARG A 237 -10.25 4.12 -6.87
C ARG A 237 -9.96 5.36 -6.01
N THR A 238 -8.88 5.25 -5.24
CA THR A 238 -8.47 6.29 -4.29
C THR A 238 -9.58 6.60 -3.30
N TRP A 239 -10.22 5.54 -2.79
CA TRP A 239 -11.34 5.72 -1.88
C TRP A 239 -12.38 6.66 -2.49
N TYR A 240 -12.63 6.47 -3.80
CA TYR A 240 -13.51 7.32 -4.60
C TYR A 240 -13.14 8.80 -4.48
N SER A 241 -12.02 9.15 -5.11
CA SER A 241 -11.58 10.54 -5.10
C SER A 241 -10.54 10.74 -6.20
N GLN A 242 -10.16 12.00 -6.39
CA GLN A 242 -9.13 12.40 -7.34
C GLN A 242 -8.28 13.48 -6.69
N ASN A 243 -6.97 13.35 -6.79
CA ASN A 243 -6.04 14.28 -6.17
C ASN A 243 -6.37 15.72 -6.53
N ALA A 244 -6.20 16.61 -5.55
CA ALA A 244 -6.35 18.06 -5.74
C ALA A 244 -5.14 18.81 -5.20
N PHE A 245 -4.71 18.49 -3.97
CA PHE A 245 -3.60 19.20 -3.36
C PHE A 245 -2.96 18.30 -2.31
N ASP A 246 -1.64 18.38 -2.19
CA ASP A 246 -0.90 17.51 -1.28
C ASP A 246 -0.11 18.43 -0.36
N LEU A 247 -0.60 18.59 0.88
CA LEU A 247 -0.07 19.59 1.80
C LEU A 247 0.96 18.96 2.74
N PRO A 248 2.14 19.53 2.92
CA PRO A 248 3.07 18.96 3.91
C PRO A 248 2.49 19.06 5.31
N LEU A 249 2.81 18.05 6.13
CA LEU A 249 2.32 17.99 7.52
C LEU A 249 3.37 17.24 8.34
N GLY A 250 4.32 18.00 8.91
CA GLY A 250 5.37 17.35 9.68
C GLY A 250 6.18 16.42 8.79
N SER A 251 6.42 15.21 9.28
CA SER A 251 7.12 14.23 8.47
C SER A 251 6.19 13.49 7.52
N ASN A 252 4.93 13.90 7.42
CA ASN A 252 3.98 13.30 6.51
C ASN A 252 3.33 14.38 5.64
N ALA A 253 2.09 14.17 5.23
CA ALA A 253 1.39 15.12 4.38
C ALA A 253 -0.10 14.83 4.52
N ILE A 254 -0.91 15.70 3.92
CA ILE A 254 -2.34 15.49 3.81
C ILE A 254 -2.68 15.34 2.34
N TYR A 255 -3.33 14.24 1.99
CA TYR A 255 -3.94 14.08 0.67
C TYR A 255 -5.26 14.82 0.68
N MET A 256 -5.40 15.81 -0.20
CA MET A 256 -6.66 16.53 -0.37
C MET A 256 -7.18 16.21 -1.76
N GLY A 257 -8.30 15.50 -1.82
CA GLY A 257 -8.91 15.12 -3.07
C GLY A 257 -10.34 15.61 -3.17
N ASP A 258 -10.88 15.48 -4.38
CA ASP A 258 -12.29 15.79 -4.69
C ASP A 258 -13.01 14.49 -5.01
N ARG A 259 -14.25 14.37 -4.53
CA ARG A 259 -15.17 13.32 -5.01
C ARG A 259 -16.14 14.04 -5.94
N TRP A 260 -15.87 13.95 -7.24
CA TRP A 260 -16.67 14.68 -8.22
C TRP A 260 -18.01 13.99 -8.39
N ARG A 261 -19.08 14.78 -8.36
CA ARG A 261 -20.43 14.26 -8.57
C ARG A 261 -21.00 14.98 -9.79
N PRO A 262 -20.82 14.44 -11.00
CA PRO A 262 -21.20 15.19 -12.21
C PRO A 262 -22.65 15.64 -12.26
N SER A 263 -23.59 14.87 -11.73
CA SER A 263 -25.00 15.25 -11.79
C SER A 263 -25.40 16.25 -10.71
N LEU A 264 -24.52 16.56 -9.76
CA LEU A 264 -24.80 17.50 -8.70
C LEU A 264 -23.44 18.06 -8.25
N LEU A 265 -22.82 18.83 -9.15
CA LEU A 265 -21.42 19.21 -8.98
C LEU A 265 -21.19 20.02 -7.71
N GLY A 266 -22.16 20.85 -7.32
CA GLY A 266 -21.99 21.63 -6.11
C GLY A 266 -21.95 20.81 -4.86
N SER A 267 -22.35 19.55 -4.94
CA SER A 267 -22.28 18.63 -3.82
C SER A 267 -21.10 17.67 -3.93
N SER A 268 -20.18 17.92 -4.86
CA SER A 268 -18.93 17.17 -4.85
C SER A 268 -18.24 17.35 -3.50
N ARG A 269 -17.69 16.25 -2.96
CA ARG A 269 -17.22 16.23 -1.59
C ARG A 269 -15.70 16.36 -1.53
N TYR A 270 -15.20 16.60 -0.33
CA TYR A 270 -13.78 16.78 -0.07
C TYR A 270 -13.29 15.56 0.67
N ILE A 271 -12.35 14.86 0.06
CA ILE A 271 -11.81 13.61 0.59
C ILE A 271 -10.39 13.94 1.04
N TRP A 272 -10.22 14.16 2.33
CA TRP A 272 -8.92 14.49 2.90
C TRP A 272 -8.51 13.38 3.86
N TYR A 273 -7.31 12.84 3.67
CA TYR A 273 -6.78 11.78 4.52
C TYR A 273 -5.32 12.06 4.81
N PRO A 274 -4.80 11.57 5.94
CA PRO A 274 -3.36 11.59 6.15
C PRO A 274 -2.66 10.81 5.04
N LEU A 275 -1.53 11.32 4.61
CA LEU A 275 -0.67 10.64 3.67
C LEU A 275 0.57 10.29 4.48
N ASP A 276 0.68 9.02 4.87
CA ASP A 276 1.70 8.59 5.80
C ASP A 276 2.93 8.09 5.06
N PHE A 277 4.09 8.63 5.42
CA PHE A 277 5.36 8.31 4.79
C PHE A 277 6.22 7.37 5.61
N SER A 278 5.71 6.87 6.74
CA SER A 278 6.53 6.11 7.67
C SER A 278 7.21 4.89 7.04
N SER A 279 6.66 4.36 5.95
CA SER A 279 7.28 3.23 5.28
C SER A 279 8.25 3.65 4.18
N GLY A 280 8.52 4.95 4.04
CA GLY A 280 9.26 5.48 2.92
C GLY A 280 8.44 5.68 1.65
N ALA A 281 7.33 4.99 1.51
CA ALA A 281 6.38 5.17 0.43
C ALA A 281 5.14 5.83 1.00
N PRO A 282 4.61 6.88 0.37
CA PRO A 282 3.38 7.49 0.90
C PRO A 282 2.17 6.61 0.66
N GLN A 283 1.29 6.56 1.66
CA GLN A 283 0.07 5.77 1.57
C GLN A 283 -1.04 6.53 2.28
N ILE A 284 -2.21 6.60 1.64
CA ILE A 284 -3.38 7.17 2.31
C ILE A 284 -3.70 6.32 3.53
N VAL A 285 -3.92 6.99 4.66
CA VAL A 285 -4.49 6.36 5.85
C VAL A 285 -5.98 6.54 5.76
N HIS A 286 -6.72 5.44 5.56
CA HIS A 286 -8.17 5.54 5.41
C HIS A 286 -8.80 5.71 6.79
N ALA A 287 -8.99 6.96 7.18
CA ALA A 287 -9.51 7.35 8.48
C ALA A 287 -10.82 8.08 8.26
N ASP A 288 -11.94 7.43 8.62
CA ASP A 288 -13.25 8.05 8.43
C ASP A 288 -13.37 9.35 9.21
N VAL A 289 -12.72 9.42 10.37
CA VAL A 289 -12.73 10.58 11.25
C VAL A 289 -11.32 10.76 11.78
N TRP A 290 -10.72 11.91 11.52
CA TRP A 290 -9.38 12.16 12.06
C TRP A 290 -9.25 13.63 12.41
N SER A 291 -8.25 13.92 13.25
CA SER A 291 -7.98 15.26 13.69
C SER A 291 -6.57 15.66 13.25
N VAL A 292 -6.37 16.95 13.05
CA VAL A 292 -5.10 17.47 12.56
C VAL A 292 -4.61 18.54 13.51
N ASN A 293 -3.30 18.59 13.73
CA ASN A 293 -2.66 19.66 14.49
C ASN A 293 -1.61 20.22 13.53
N VAL A 294 -2.00 21.24 12.77
CA VAL A 294 -1.12 21.74 11.73
C VAL A 294 0.12 22.40 12.31
N GLN A 295 0.02 22.97 13.51
CA GLN A 295 1.19 23.59 14.14
C GLN A 295 2.19 22.53 14.60
N ALA A 296 1.71 21.40 15.11
CA ALA A 296 2.59 20.30 15.51
C ALA A 296 3.05 19.47 14.33
N GLY A 297 2.35 19.54 13.20
CA GLY A 297 2.64 18.67 12.07
C GLY A 297 2.19 17.24 12.29
N THR A 298 1.07 17.05 13.00
CA THR A 298 0.64 15.73 13.41
C THR A 298 -0.83 15.52 13.05
N TYR A 299 -1.22 14.25 13.05
CA TYR A 299 -2.62 13.89 12.88
C TYR A 299 -2.92 12.78 13.87
N SER A 300 -4.21 12.62 14.18
CA SER A 300 -4.67 11.58 15.08
C SER A 300 -5.96 10.96 14.54
N VAL A 301 -5.96 9.65 14.37
CA VAL A 301 -7.09 8.92 13.84
C VAL A 301 -8.03 8.55 14.97
N ALA A 302 -9.31 8.89 14.82
CA ALA A 302 -10.30 8.58 15.85
C ALA A 302 -10.58 7.08 15.87
N SER A 303 -10.74 6.53 17.06
CA SER A 303 -11.10 5.13 17.21
C SER A 303 -12.61 5.00 17.29
N GLY A 304 -13.12 3.91 16.71
CA GLY A 304 -14.56 3.68 16.68
C GLY A 304 -14.89 2.26 17.05
N THR A 305 -16.19 2.00 17.19
CA THR A 305 -16.69 0.66 17.50
C THR A 305 -17.41 0.13 16.27
N SER A 306 -16.99 -1.04 15.79
CA SER A 306 -17.53 -1.63 14.57
C SER A 306 -18.67 -2.58 14.88
N TYR A 307 -19.71 -2.53 14.03
CA TYR A 307 -20.85 -3.44 14.11
C TYR A 307 -21.09 -3.99 12.72
N GLU A 308 -21.09 -5.31 12.58
CA GLU A 308 -21.34 -5.94 11.30
C GLU A 308 -22.83 -5.93 10.98
N ALA A 309 -23.18 -5.54 9.76
CA ALA A 309 -24.58 -5.52 9.37
C ALA A 309 -25.21 -6.90 9.48
N GLU A 310 -24.44 -7.95 9.15
CA GLU A 310 -24.97 -9.31 9.14
C GLU A 310 -25.28 -9.82 10.53
N ASN A 311 -24.78 -9.17 11.58
CA ASN A 311 -25.13 -9.50 12.94
C ASN A 311 -26.37 -8.74 13.42
N GLY A 312 -26.91 -7.85 12.59
CA GLY A 312 -28.11 -7.13 12.93
C GLY A 312 -29.35 -7.96 12.69
N GLN A 313 -30.49 -7.36 13.01
CA GLN A 313 -31.78 -8.04 12.91
C GLN A 313 -32.41 -7.62 11.58
N ARG A 314 -32.54 -8.58 10.67
CA ARG A 314 -33.12 -8.31 9.37
C ARG A 314 -34.64 -8.35 9.45
N GLY A 315 -35.29 -7.47 8.69
CA GLY A 315 -36.73 -7.48 8.57
C GLY A 315 -37.14 -7.50 7.12
N GLY A 316 -38.27 -8.15 6.86
CA GLY A 316 -38.78 -8.20 5.51
C GLY A 316 -37.86 -9.02 4.61
N SER A 317 -37.57 -8.47 3.42
CA SER A 317 -36.94 -9.24 2.36
C SER A 317 -35.42 -9.10 2.29
N SER A 318 -34.79 -8.55 3.31
CA SER A 318 -33.33 -8.42 3.26
C SER A 318 -32.67 -9.78 3.52
N THR A 319 -31.44 -9.93 3.02
CA THR A 319 -30.75 -11.22 3.03
C THR A 319 -29.26 -11.02 3.33
N ILE A 320 -28.56 -12.14 3.56
CA ILE A 320 -27.12 -12.14 3.82
C ILE A 320 -26.39 -12.54 2.55
N LEU A 321 -25.46 -11.69 2.12
CA LEU A 321 -24.61 -11.93 0.96
C LEU A 321 -23.20 -12.25 1.42
N SER A 322 -22.50 -13.06 0.64
CA SER A 322 -21.12 -13.41 0.90
C SER A 322 -20.22 -12.79 -0.15
N GLY A 323 -19.03 -12.35 0.27
CA GLY A 323 -18.08 -11.81 -0.67
C GLY A 323 -16.77 -11.48 0.00
N SER A 324 -15.67 -11.65 -0.75
CA SER A 324 -14.33 -11.42 -0.20
C SER A 324 -14.05 -9.95 0.07
N GLY A 325 -14.84 -9.02 -0.49
CA GLY A 325 -14.60 -7.63 -0.22
C GLY A 325 -15.25 -7.09 1.03
N PHE A 326 -15.98 -7.93 1.76
CA PHE A 326 -16.74 -7.55 2.95
C PHE A 326 -16.02 -7.93 4.22
N SER A 327 -16.12 -7.05 5.22
CA SER A 327 -15.69 -7.42 6.56
C SER A 327 -16.54 -8.57 7.07
N GLY A 328 -15.89 -9.56 7.68
CA GLY A 328 -16.56 -10.77 8.07
C GLY A 328 -16.99 -11.64 6.92
N GLY A 329 -16.64 -11.28 5.69
CA GLY A 329 -17.03 -12.05 4.53
C GLY A 329 -18.48 -11.94 4.16
N LYS A 330 -19.24 -11.05 4.81
CA LYS A 330 -20.68 -11.02 4.64
C LYS A 330 -21.19 -9.58 4.68
N ALA A 331 -22.33 -9.37 4.02
CA ALA A 331 -23.02 -8.08 4.04
C ALA A 331 -24.51 -8.36 4.02
N VAL A 332 -25.30 -7.31 4.16
CA VAL A 332 -26.75 -7.41 4.06
C VAL A 332 -27.18 -6.80 2.73
N GLY A 333 -27.84 -7.62 1.91
CA GLY A 333 -28.37 -7.19 0.64
C GLY A 333 -29.89 -7.12 0.66
N TYR A 334 -30.43 -6.75 -0.49
CA TYR A 334 -31.88 -6.57 -0.64
C TYR A 334 -32.43 -5.64 0.44
N LEU A 335 -31.68 -4.58 0.72
CA LEU A 335 -32.11 -3.53 1.62
C LEU A 335 -32.87 -2.48 0.84
N GLY A 336 -33.86 -1.90 1.50
CA GLY A 336 -34.84 -1.09 0.80
C GLY A 336 -35.82 -2.00 0.10
N HIS A 337 -36.82 -1.38 -0.54
CA HIS A 337 -37.83 -2.12 -1.26
C HIS A 337 -38.38 -3.26 -0.41
N GLY A 338 -38.69 -2.94 0.85
CA GLY A 338 -39.27 -3.90 1.76
C GLY A 338 -38.30 -4.69 2.62
N GLY A 339 -37.01 -4.43 2.54
CA GLY A 339 -36.03 -5.11 3.39
C GLY A 339 -35.32 -4.12 4.29
N THR A 340 -35.13 -4.50 5.55
CA THR A 340 -34.43 -3.65 6.51
C THR A 340 -33.41 -4.44 7.30
N VAL A 341 -32.48 -3.72 7.92
CA VAL A 341 -31.63 -4.30 8.94
C VAL A 341 -31.53 -3.30 10.08
N THR A 342 -31.62 -3.80 11.31
CA THR A 342 -31.54 -2.96 12.49
C THR A 342 -30.36 -3.44 13.30
N ILE A 343 -29.40 -2.55 13.51
CA ILE A 343 -28.26 -2.83 14.37
C ILE A 343 -28.62 -2.39 15.78
N ASN A 344 -28.66 -3.35 16.69
CA ASN A 344 -29.06 -3.11 18.06
C ASN A 344 -27.84 -3.06 18.96
N ASN A 345 -28.07 -2.59 20.19
CA ASN A 345 -27.03 -2.50 21.21
C ASN A 345 -25.83 -1.69 20.73
N VAL A 346 -26.11 -0.60 20.03
CA VAL A 346 -25.08 0.38 19.70
C VAL A 346 -24.86 1.24 20.94
N GLN A 347 -23.73 1.01 21.61
CA GLN A 347 -23.43 1.70 22.86
C GLN A 347 -23.06 3.15 22.60
N SER A 348 -23.47 4.04 23.49
CA SER A 348 -23.06 5.43 23.41
C SER A 348 -23.02 6.06 24.79
N ASN A 349 -22.24 7.14 24.88
CA ASN A 349 -22.27 8.06 26.00
C ASN A 349 -23.31 9.16 25.81
N GLY A 350 -23.99 9.17 24.67
CA GLY A 350 -24.93 10.21 24.33
C GLY A 350 -24.30 11.24 23.40
N GLY A 351 -25.13 12.20 23.01
CA GLY A 351 -24.68 13.26 22.13
C GLY A 351 -24.60 12.82 20.68
N SER A 352 -23.93 13.65 19.90
CA SER A 352 -23.84 13.44 18.46
C SER A 352 -22.57 12.65 18.11
N HIS A 353 -22.71 11.70 17.20
CA HIS A 353 -21.60 10.84 16.82
C HIS A 353 -21.57 10.64 15.32
N TRP A 354 -20.37 10.74 14.75
CA TRP A 354 -20.18 10.36 13.37
C TRP A 354 -20.21 8.84 13.25
N VAL A 355 -20.96 8.35 12.26
CA VAL A 355 -21.06 6.93 11.98
C VAL A 355 -20.68 6.71 10.52
N ALA A 356 -19.72 5.83 10.29
CA ALA A 356 -19.31 5.49 8.93
C ALA A 356 -20.08 4.27 8.47
N LEU A 357 -20.72 4.38 7.32
CA LEU A 357 -21.48 3.28 6.71
C LEU A 357 -20.61 2.65 5.63
N TYR A 358 -20.22 1.39 5.82
CA TYR A 358 -19.43 0.66 4.85
C TYR A 358 -20.37 -0.16 3.98
N PHE A 359 -20.32 0.08 2.67
CA PHE A 359 -21.29 -0.51 1.76
C PHE A 359 -20.61 -0.82 0.44
N ALA A 360 -21.25 -1.67 -0.36
CA ALA A 360 -20.85 -1.91 -1.74
C ALA A 360 -22.00 -1.54 -2.64
N ASN A 361 -21.71 -0.84 -3.72
CA ASN A 361 -22.74 -0.45 -4.70
C ASN A 361 -22.15 -0.70 -6.08
N GLY A 362 -22.52 -1.81 -6.69
CA GLY A 362 -21.99 -2.15 -8.00
C GLY A 362 -22.65 -1.46 -9.18
N ASP A 363 -23.57 -0.54 -8.94
CA ASP A 363 -24.19 0.20 -10.02
C ASP A 363 -23.19 1.19 -10.60
N SER A 364 -23.51 1.71 -11.79
CA SER A 364 -22.75 2.83 -12.32
C SER A 364 -23.20 4.16 -11.72
N THR A 365 -24.28 4.13 -10.94
CA THR A 365 -24.96 5.31 -10.42
C THR A 365 -25.12 5.17 -8.91
N TYR A 366 -25.47 6.29 -8.28
CA TYR A 366 -25.63 6.32 -6.83
C TYR A 366 -26.88 5.58 -6.39
N ARG A 367 -26.82 5.05 -5.17
CA ARG A 367 -27.99 4.62 -4.43
C ARG A 367 -28.09 5.51 -3.19
N ASN A 368 -29.05 5.21 -2.33
CA ASN A 368 -29.10 5.85 -1.02
C ASN A 368 -29.75 4.90 -0.05
N VAL A 369 -29.65 5.24 1.24
CA VAL A 369 -30.18 4.40 2.30
C VAL A 369 -30.81 5.30 3.34
N THR A 370 -31.99 4.91 3.82
CA THR A 370 -32.60 5.61 4.94
C THR A 370 -32.00 5.12 6.25
N VAL A 371 -31.81 6.03 7.19
CA VAL A 371 -31.20 5.75 8.49
C VAL A 371 -32.09 6.35 9.57
N SER A 372 -32.54 5.52 10.50
CA SER A 372 -33.42 5.94 11.58
C SER A 372 -32.82 5.46 12.90
N VAL A 373 -32.69 6.37 13.86
CA VAL A 373 -32.12 6.05 15.16
C VAL A 373 -33.24 5.95 16.18
N ASN A 374 -33.30 4.81 16.87
CA ASN A 374 -34.29 4.59 17.93
C ASN A 374 -35.71 4.93 17.46
N GLY A 375 -36.00 4.59 16.20
CA GLY A 375 -37.31 4.86 15.64
C GLY A 375 -37.58 6.30 15.27
N GLY A 376 -36.57 7.16 15.27
CA GLY A 376 -36.77 8.55 14.93
C GLY A 376 -36.97 8.75 13.44
N PRO A 377 -37.26 9.99 13.04
CA PRO A 377 -37.42 10.29 11.62
C PRO A 377 -36.16 9.92 10.84
N SER A 378 -36.36 9.40 9.64
CA SER A 378 -35.26 8.93 8.80
C SER A 378 -34.52 10.10 8.19
N VAL A 379 -33.23 9.90 7.96
CA VAL A 379 -32.46 10.74 7.05
C VAL A 379 -31.98 9.85 5.91
N LEU A 380 -31.77 10.46 4.74
CA LEU A 380 -31.34 9.72 3.57
C LEU A 380 -29.86 9.97 3.32
N VAL A 381 -29.09 8.90 3.22
CA VAL A 381 -27.64 8.99 3.04
C VAL A 381 -27.28 8.53 1.64
N ASP A 382 -26.55 9.37 0.90
CA ASP A 382 -26.14 9.04 -0.45
C ASP A 382 -25.06 7.98 -0.43
N GLN A 383 -25.16 7.01 -1.34
CA GLN A 383 -24.21 5.90 -1.47
C GLN A 383 -23.65 5.90 -2.88
N PRO A 384 -22.48 6.52 -3.09
CA PRO A 384 -21.88 6.53 -4.43
C PRO A 384 -21.64 5.11 -4.94
N ASP A 385 -21.56 5.00 -6.27
CA ASP A 385 -21.06 3.76 -6.87
C ASP A 385 -19.70 3.44 -6.24
N SER A 386 -19.50 2.20 -5.84
CA SER A 386 -18.28 1.85 -5.14
C SER A 386 -17.21 1.24 -6.03
N GLY A 387 -17.53 0.92 -7.29
CA GLY A 387 -16.60 0.30 -8.22
C GLY A 387 -16.95 -1.12 -8.56
N GLY A 388 -17.74 -1.78 -7.73
CA GLY A 388 -18.16 -3.14 -7.99
C GLY A 388 -18.95 -3.66 -6.79
N GLY A 389 -19.72 -4.71 -7.03
CA GLY A 389 -20.50 -5.33 -5.98
C GLY A 389 -19.66 -5.96 -4.88
N ASN A 390 -18.36 -6.14 -5.11
CA ASN A 390 -17.45 -6.69 -4.12
C ASN A 390 -16.43 -5.66 -3.62
N VAL A 391 -16.69 -4.38 -3.84
CA VAL A 391 -15.78 -3.31 -3.43
C VAL A 391 -16.53 -2.43 -2.43
N VAL A 392 -15.96 -2.28 -1.24
CA VAL A 392 -16.60 -1.54 -0.15
C VAL A 392 -15.89 -0.20 0.03
N ILE A 393 -16.68 0.87 0.12
CA ILE A 393 -16.20 2.16 0.60
C ILE A 393 -17.12 2.62 1.72
N SER A 394 -16.80 3.74 2.34
CA SER A 394 -17.62 4.24 3.44
C SER A 394 -18.04 5.67 3.22
N VAL A 395 -19.22 6.02 3.72
CA VAL A 395 -19.69 7.40 3.77
C VAL A 395 -20.19 7.71 5.18
N PRO A 396 -20.09 8.96 5.62
CA PRO A 396 -20.40 9.29 7.01
C PRO A 396 -21.78 9.91 7.18
N VAL A 397 -22.34 9.68 8.37
CA VAL A 397 -23.58 10.35 8.79
C VAL A 397 -23.47 10.65 10.27
N LYS A 398 -23.91 11.86 10.66
CA LYS A 398 -23.85 12.30 12.04
C LYS A 398 -25.17 11.99 12.72
N LEU A 399 -25.14 11.13 13.74
CA LEU A 399 -26.34 10.65 14.40
C LEU A 399 -26.36 11.06 15.86
N ASN A 400 -27.55 11.45 16.33
CA ASN A 400 -27.78 11.75 17.75
C ASN A 400 -28.17 10.46 18.46
N LEU A 401 -27.33 10.01 19.39
CA LEU A 401 -27.52 8.78 20.13
C LEU A 401 -27.81 9.10 21.60
N ASN A 402 -28.34 8.11 22.30
CA ASN A 402 -28.62 8.24 23.73
C ASN A 402 -27.55 7.49 24.52
N SER A 403 -27.37 7.92 25.78
CA SER A 403 -26.52 7.15 26.66
C SER A 403 -27.10 5.75 26.86
N GLY A 404 -26.22 4.75 26.80
CA GLY A 404 -26.68 3.38 26.88
C GLY A 404 -26.78 2.74 25.51
N GLU A 405 -27.81 1.92 25.31
CA GLU A 405 -27.95 1.16 24.08
C GLU A 405 -28.86 1.90 23.10
N ASN A 406 -28.54 1.77 21.82
CA ASN A 406 -29.28 2.42 20.76
C ASN A 406 -29.50 1.41 19.65
N SER A 407 -30.52 1.68 18.83
CA SER A 407 -30.78 0.92 17.61
C SER A 407 -30.70 1.84 16.41
N ILE A 408 -30.15 1.33 15.30
CA ILE A 408 -30.10 2.08 14.05
C ILE A 408 -30.68 1.18 12.96
N THR A 409 -31.72 1.67 12.28
CA THR A 409 -32.43 0.89 11.28
C THR A 409 -32.13 1.44 9.89
N PHE A 410 -31.79 0.56 8.97
CA PHE A 410 -31.42 0.91 7.60
C PHE A 410 -32.43 0.33 6.61
N GLY A 411 -32.86 1.16 5.67
CA GLY A 411 -33.65 0.71 4.54
C GLY A 411 -35.15 0.78 4.71
N SER A 412 -35.65 1.25 5.84
CA SER A 412 -37.10 1.38 6.01
C SER A 412 -37.63 2.49 5.11
N GLY A 413 -38.84 2.29 4.60
CA GLY A 413 -39.56 3.35 3.92
C GLY A 413 -38.90 3.89 2.68
N GLN A 414 -38.20 3.06 1.92
CA GLN A 414 -37.68 3.48 0.62
C GLN A 414 -38.10 2.47 -0.43
N SER A 415 -38.61 2.98 -1.55
CA SER A 415 -39.06 2.14 -2.66
C SER A 415 -37.89 1.52 -3.41
N ASN A 416 -36.78 2.24 -3.51
CA ASN A 416 -35.60 1.78 -4.23
C ASN A 416 -34.73 0.91 -3.33
N TYR A 417 -33.92 0.05 -3.95
CA TYR A 417 -32.93 -0.72 -3.21
C TYR A 417 -31.77 0.16 -2.80
N ALA A 418 -31.38 0.06 -1.52
CA ALA A 418 -30.17 0.69 -1.03
C ALA A 418 -28.96 -0.13 -1.46
N ALA A 419 -27.76 0.39 -1.18
CA ALA A 419 -26.59 -0.41 -1.41
C ALA A 419 -26.48 -1.52 -0.36
N ASP A 420 -25.66 -2.52 -0.66
CA ASP A 420 -25.42 -3.60 0.28
C ASP A 420 -24.58 -3.11 1.45
N LEU A 421 -25.03 -3.37 2.68
CA LEU A 421 -24.40 -2.82 3.87
C LEU A 421 -23.49 -3.87 4.50
N ASP A 422 -22.20 -3.54 4.63
CA ASP A 422 -21.17 -4.42 5.17
C ASP A 422 -21.09 -4.31 6.68
N LYS A 423 -20.90 -3.09 7.19
CA LYS A 423 -20.76 -2.83 8.61
C LYS A 423 -20.90 -1.33 8.81
N ILE A 424 -20.97 -0.92 10.07
CA ILE A 424 -20.90 0.48 10.45
C ILE A 424 -19.81 0.63 11.51
N ILE A 425 -19.21 1.81 11.57
CA ILE A 425 -18.28 2.16 12.64
C ILE A 425 -18.80 3.42 13.30
N VAL A 426 -19.00 3.35 14.61
CA VAL A 426 -19.52 4.45 15.41
C VAL A 426 -18.35 5.11 16.13
N TYR A 427 -18.15 6.39 15.85
CA TYR A 427 -17.04 7.14 16.43
C TYR A 427 -17.54 8.02 17.55
N ASN B 1 26.11 -8.57 8.47
CA ASN B 1 25.76 -7.30 9.07
C ASN B 1 24.32 -6.86 8.76
N GLN B 2 23.92 -6.99 7.51
CA GLN B 2 22.62 -6.50 7.04
C GLN B 2 21.78 -7.64 6.49
N ILE B 3 20.47 -7.39 6.42
CA ILE B 3 19.50 -8.35 5.91
C ILE B 3 19.24 -7.99 4.46
N VAL B 4 19.62 -8.89 3.55
CA VAL B 4 19.64 -8.59 2.11
C VAL B 4 18.79 -9.65 1.40
N SER B 5 17.52 -9.30 1.16
CA SER B 5 16.59 -10.25 0.57
C SER B 5 17.03 -10.71 -0.82
N GLY B 6 17.02 -12.03 -1.02
CA GLY B 6 17.31 -12.62 -2.30
C GLY B 6 18.73 -13.07 -2.50
N ALA B 7 19.62 -12.71 -1.58
CA ALA B 7 20.99 -13.18 -1.64
C ALA B 7 21.08 -14.61 -1.11
N ALA B 8 22.15 -15.29 -1.51
CA ALA B 8 22.45 -16.61 -0.95
C ALA B 8 23.05 -16.42 0.43
N TRP B 9 22.27 -16.69 1.47
CA TRP B 9 22.71 -16.49 2.83
C TRP B 9 23.43 -17.73 3.32
N THR B 10 24.57 -17.52 3.97
CA THR B 10 25.36 -18.63 4.50
C THR B 10 25.43 -18.56 6.02
N ASP B 11 25.59 -19.73 6.62
CA ASP B 11 25.76 -19.83 8.07
C ASP B 11 27.20 -19.56 8.46
N THR B 12 27.51 -19.68 9.76
CA THR B 12 28.86 -19.39 10.21
C THR B 12 29.90 -20.37 9.65
N ALA B 13 29.48 -21.54 9.23
CA ALA B 13 30.38 -22.52 8.61
C ALA B 13 30.57 -22.28 7.11
N GLY B 14 29.91 -21.27 6.54
CA GLY B 14 30.06 -20.95 5.14
C GLY B 14 29.11 -21.66 4.20
N ASN B 15 28.17 -22.44 4.71
CA ASN B 15 27.24 -23.19 3.88
C ASN B 15 25.91 -22.44 3.74
N THR B 16 25.30 -22.56 2.58
CA THR B 16 24.02 -21.87 2.38
C THR B 16 22.97 -22.37 3.36
N ILE B 17 22.21 -21.44 3.92
CA ILE B 17 21.18 -21.78 4.89
C ILE B 17 20.06 -22.56 4.20
N GLN B 18 19.64 -23.66 4.82
CA GLN B 18 18.57 -24.52 4.32
C GLN B 18 17.46 -24.55 5.37
N ALA B 19 16.59 -23.55 5.32
CA ALA B 19 15.55 -23.41 6.33
C ALA B 19 14.33 -22.74 5.69
N HIS B 20 13.81 -23.40 4.66
CA HIS B 20 12.66 -22.86 3.95
C HIS B 20 11.38 -23.13 4.73
N GLY B 21 10.36 -22.32 4.46
CA GLY B 21 9.14 -22.42 5.25
C GLY B 21 9.34 -22.07 6.72
N ALA B 22 10.05 -20.97 6.97
CA ALA B 22 10.59 -20.61 8.29
C ALA B 22 9.56 -20.68 9.41
N GLY B 23 10.01 -21.24 10.54
CA GLY B 23 9.39 -21.00 11.84
C GLY B 23 10.42 -20.43 12.81
N ILE B 24 10.08 -19.36 13.52
CA ILE B 24 11.01 -18.71 14.44
C ILE B 24 10.50 -18.92 15.87
N LEU B 25 11.44 -19.13 16.79
CA LEU B 25 11.15 -19.19 18.21
C LEU B 25 12.24 -18.43 18.95
N GLN B 26 11.86 -17.52 19.85
CA GLN B 26 12.84 -16.85 20.69
C GLN B 26 12.86 -17.53 22.05
N VAL B 27 14.05 -17.93 22.49
CA VAL B 27 14.27 -18.51 23.81
C VAL B 27 15.34 -17.69 24.49
N GLY B 28 14.99 -17.07 25.61
CA GLY B 28 15.90 -16.10 26.21
C GLY B 28 16.16 -15.01 25.19
N SER B 29 17.43 -14.79 24.88
CA SER B 29 17.83 -13.83 23.86
C SER B 29 18.28 -14.50 22.58
N THR B 30 18.01 -15.79 22.40
CA THR B 30 18.45 -16.52 21.22
C THR B 30 17.27 -16.73 20.30
N PHE B 31 17.48 -16.48 19.01
CA PHE B 31 16.47 -16.78 18.01
C PHE B 31 16.81 -18.11 17.35
N TYR B 32 15.81 -18.99 17.29
CA TYR B 32 15.92 -20.29 16.65
C TYR B 32 15.10 -20.25 15.37
N TRP B 33 15.73 -20.60 14.26
CA TRP B 33 15.09 -20.63 12.95
C TRP B 33 15.04 -22.11 12.52
N PHE B 34 13.82 -22.64 12.45
CA PHE B 34 13.55 -23.98 11.96
C PHE B 34 13.03 -23.89 10.53
N GLY B 35 13.44 -24.84 9.69
CA GLY B 35 12.93 -24.81 8.34
C GLY B 35 13.20 -26.11 7.62
N GLU B 36 12.76 -26.15 6.36
CA GLU B 36 12.93 -27.34 5.52
C GLU B 36 14.31 -27.34 4.91
N ASP B 37 15.04 -28.45 5.05
CA ASP B 37 16.32 -28.62 4.36
C ASP B 37 16.04 -29.09 2.94
N LYS B 38 16.34 -28.25 1.96
CA LYS B 38 16.08 -28.58 0.56
C LYS B 38 17.36 -28.75 -0.26
N SER B 39 18.48 -29.04 0.41
CA SER B 39 19.76 -29.18 -0.28
C SER B 39 19.76 -30.33 -1.28
N HIS B 40 18.81 -31.25 -1.18
CA HIS B 40 18.65 -32.29 -2.19
C HIS B 40 17.79 -31.85 -3.38
N ASN B 41 17.36 -30.58 -3.41
CA ASN B 41 16.57 -30.04 -4.52
C ASN B 41 15.29 -30.83 -4.74
N SER B 42 14.65 -31.24 -3.65
CA SER B 42 13.48 -32.09 -3.70
C SER B 42 12.45 -31.59 -2.70
N ALA B 43 11.17 -31.86 -3.01
CA ALA B 43 10.10 -31.54 -2.08
C ALA B 43 9.97 -32.59 -0.99
N LEU B 44 10.67 -33.71 -1.09
CA LEU B 44 10.56 -34.79 -0.13
C LEU B 44 11.44 -34.52 1.10
N PHE B 45 11.13 -35.23 2.18
CA PHE B 45 11.66 -34.87 3.50
C PHE B 45 13.12 -35.28 3.63
N LYS B 46 13.98 -34.30 3.93
CA LYS B 46 15.36 -34.53 4.32
C LYS B 46 15.62 -34.18 5.78
N ALA B 47 15.22 -33.00 6.24
CA ALA B 47 15.38 -32.64 7.65
C ALA B 47 14.58 -31.37 7.92
N VAL B 48 14.19 -31.19 9.18
CA VAL B 48 13.92 -29.86 9.72
C VAL B 48 15.21 -29.38 10.35
N SER B 49 15.79 -28.33 9.76
CA SER B 49 17.04 -27.77 10.23
C SER B 49 16.78 -26.85 11.43
N CYS B 50 17.87 -26.48 12.11
CA CYS B 50 17.83 -25.62 13.29
C CYS B 50 19.05 -24.72 13.26
N TYR B 51 18.81 -23.40 13.13
CA TYR B 51 19.87 -22.40 13.14
C TYR B 51 19.61 -21.42 14.28
N THR B 52 20.68 -20.91 14.88
CA THR B 52 20.56 -19.99 15.99
C THR B 52 21.28 -18.69 15.70
N SER B 53 20.78 -17.61 16.31
CA SER B 53 21.41 -16.30 16.18
C SER B 53 20.97 -15.42 17.34
N SER B 54 21.83 -14.46 17.69
CA SER B 54 21.45 -13.45 18.66
C SER B 54 20.97 -12.17 18.01
N ASP B 55 21.13 -12.04 16.69
CA ASP B 55 20.94 -10.77 16.02
C ASP B 55 20.09 -10.87 14.75
N LEU B 56 19.60 -12.06 14.41
CA LEU B 56 18.78 -12.32 13.23
C LEU B 56 19.55 -12.24 11.92
N VAL B 57 20.88 -12.14 11.95
CA VAL B 57 21.67 -12.02 10.73
C VAL B 57 22.80 -13.05 10.64
N ASN B 58 23.39 -13.38 11.79
CA ASN B 58 24.56 -14.25 11.86
C ASN B 58 24.09 -15.60 12.43
N TRP B 59 23.87 -16.58 11.54
CA TRP B 59 23.21 -17.82 11.89
C TRP B 59 24.22 -18.96 11.99
N SER B 60 24.11 -19.75 13.06
CA SER B 60 24.94 -20.94 13.26
C SER B 60 24.06 -22.17 13.16
N ARG B 61 24.48 -23.14 12.35
CA ARG B 61 23.69 -24.34 12.18
C ARG B 61 23.92 -25.30 13.35
N GLN B 62 22.85 -25.75 13.97
CA GLN B 62 22.89 -26.76 15.02
C GLN B 62 22.53 -28.11 14.42
N ASN B 63 22.44 -29.13 15.28
CA ASN B 63 21.90 -30.41 14.85
C ASN B 63 20.52 -30.22 14.26
N ASP B 64 20.18 -31.05 13.28
CA ASP B 64 18.83 -31.03 12.75
C ASP B 64 17.83 -31.31 13.86
N ALA B 65 16.73 -30.54 13.87
CA ALA B 65 15.69 -30.70 14.87
C ALA B 65 14.81 -31.91 14.61
N LEU B 66 14.55 -32.23 13.34
CA LEU B 66 13.76 -33.41 13.01
C LEU B 66 14.42 -34.10 11.83
N SER B 67 14.51 -35.41 11.91
CA SER B 67 15.17 -36.24 10.91
C SER B 67 14.21 -37.32 10.44
N PRO B 68 14.39 -37.83 9.22
CA PRO B 68 13.47 -38.85 8.72
C PRO B 68 13.52 -40.13 9.55
N ILE B 69 12.38 -40.79 9.65
CA ILE B 69 12.30 -42.11 10.27
C ILE B 69 11.68 -43.04 9.23
N ALA B 70 12.49 -43.99 8.75
CA ALA B 70 11.98 -45.00 7.83
C ALA B 70 10.81 -45.70 8.47
N GLY B 71 9.78 -45.94 7.66
CA GLY B 71 8.59 -46.63 8.09
C GLY B 71 7.57 -45.79 8.80
N THR B 72 7.72 -44.46 8.78
CA THR B 72 6.74 -43.53 9.31
C THR B 72 6.29 -42.57 8.23
N MET B 73 5.33 -41.72 8.58
CA MET B 73 4.89 -40.60 7.76
C MET B 73 5.93 -39.48 7.67
N ILE B 74 7.02 -39.58 8.42
CA ILE B 74 8.14 -38.67 8.23
C ILE B 74 9.34 -39.41 7.65
N SER B 75 9.06 -40.38 6.76
CA SER B 75 10.12 -40.99 5.99
C SER B 75 10.59 -40.06 4.89
N THR B 76 11.68 -40.45 4.23
CA THR B 76 12.19 -39.67 3.10
C THR B 76 11.27 -39.74 1.89
N SER B 77 10.25 -40.58 1.92
CA SER B 77 9.27 -40.63 0.84
C SER B 77 8.11 -39.65 1.06
N ASN B 78 8.07 -38.98 2.20
CA ASN B 78 6.96 -38.10 2.58
C ASN B 78 7.39 -36.64 2.51
N VAL B 79 6.44 -35.78 2.86
CA VAL B 79 6.62 -34.33 2.82
C VAL B 79 6.46 -33.79 4.24
N VAL B 80 7.41 -32.94 4.64
CA VAL B 80 7.37 -32.22 5.92
C VAL B 80 7.61 -30.75 5.59
N GLU B 81 6.62 -29.90 5.85
CA GLU B 81 6.72 -28.50 5.43
C GLU B 81 6.32 -27.55 6.53
N ARG B 82 6.89 -26.36 6.46
CA ARG B 82 6.51 -25.23 7.31
C ARG B 82 6.53 -25.55 8.81
N PRO B 83 7.66 -26.00 9.34
CA PRO B 83 7.74 -26.27 10.77
C PRO B 83 7.56 -25.00 11.58
N LYS B 84 6.95 -25.16 12.75
CA LYS B 84 6.72 -24.08 13.71
C LYS B 84 6.94 -24.67 15.09
N VAL B 85 7.58 -23.91 15.97
CA VAL B 85 7.87 -24.39 17.33
C VAL B 85 7.42 -23.35 18.35
N ILE B 86 6.72 -23.81 19.38
CA ILE B 86 6.36 -22.96 20.52
C ILE B 86 6.69 -23.70 21.80
N PHE B 87 6.89 -22.92 22.86
CA PHE B 87 7.26 -23.46 24.16
C PHE B 87 6.02 -23.62 25.03
N ASN B 88 5.83 -24.82 25.56
CA ASN B 88 4.75 -25.10 26.50
C ASN B 88 5.33 -24.99 27.91
N GLN B 89 4.91 -23.95 28.65
CA GLN B 89 5.45 -23.76 29.98
C GLN B 89 4.94 -24.81 30.97
N LYS B 90 3.69 -25.25 30.81
CA LYS B 90 3.12 -26.23 31.73
C LYS B 90 3.95 -27.51 31.75
N ASN B 91 4.32 -28.01 30.58
CA ASN B 91 5.08 -29.23 30.46
C ASN B 91 6.57 -29.00 30.28
N SER B 92 7.02 -27.76 30.34
CA SER B 92 8.42 -27.40 30.12
C SER B 92 8.96 -28.14 28.88
N GLU B 93 8.30 -27.89 27.74
CA GLU B 93 8.52 -28.69 26.56
C GLU B 93 8.35 -27.83 25.31
N TYR B 94 9.21 -28.06 24.33
CA TYR B 94 9.08 -27.43 23.01
C TYR B 94 8.27 -28.34 22.11
N VAL B 95 7.28 -27.77 21.43
CA VAL B 95 6.36 -28.54 20.62
C VAL B 95 6.43 -28.01 19.19
N MET B 96 6.78 -28.89 18.26
CA MET B 96 6.90 -28.56 16.85
C MET B 96 5.66 -29.07 16.13
N TRP B 97 5.07 -28.22 15.29
CA TRP B 97 4.03 -28.64 14.37
C TRP B 97 4.55 -28.45 12.96
N PHE B 98 4.00 -29.24 12.03
CA PHE B 98 4.38 -29.12 10.63
C PHE B 98 3.28 -29.70 9.75
N HIS B 99 3.28 -29.28 8.50
CA HIS B 99 2.47 -29.92 7.46
C HIS B 99 3.10 -31.26 7.09
N SER B 100 2.32 -32.33 7.27
CA SER B 100 2.75 -33.70 6.99
C SER B 100 1.94 -34.21 5.81
N ASP B 101 2.61 -34.72 4.79
CA ASP B 101 1.83 -35.08 3.61
C ASP B 101 2.51 -36.17 2.80
N SER B 102 1.73 -36.71 1.87
CA SER B 102 2.26 -37.48 0.76
C SER B 102 2.74 -36.53 -0.34
N SER B 103 3.49 -37.09 -1.30
CA SER B 103 4.11 -36.25 -2.34
C SER B 103 3.09 -35.55 -3.24
N ASN B 104 1.87 -36.07 -3.33
CA ASN B 104 0.82 -35.41 -4.10
C ASN B 104 -0.02 -34.46 -3.25
N TYR B 105 0.38 -34.24 -2.00
CA TYR B 105 -0.40 -33.44 -1.06
C TYR B 105 -1.82 -33.97 -0.88
N GLY B 106 -2.00 -35.28 -1.02
CA GLY B 106 -3.30 -35.90 -0.85
C GLY B 106 -3.67 -36.30 0.55
N ALA B 107 -2.69 -36.33 1.47
CA ALA B 107 -2.94 -36.75 2.85
C ALA B 107 -3.44 -35.59 3.71
N ALA B 108 -2.89 -34.38 3.52
CA ALA B 108 -3.36 -33.16 4.17
C ALA B 108 -3.47 -33.31 5.69
N MET B 109 -2.34 -33.61 6.30
CA MET B 109 -2.26 -33.82 7.74
C MET B 109 -1.33 -32.79 8.36
N VAL B 110 -1.43 -32.69 9.69
CA VAL B 110 -0.39 -32.06 10.50
C VAL B 110 0.44 -33.15 11.14
N GLY B 111 1.65 -32.80 11.53
CA GLY B 111 2.47 -33.67 12.36
C GLY B 111 2.96 -32.88 13.56
N VAL B 112 3.25 -33.61 14.63
CA VAL B 112 3.67 -33.01 15.90
C VAL B 112 4.92 -33.74 16.39
N ALA B 113 5.85 -32.99 16.96
CA ALA B 113 7.07 -33.54 17.55
C ALA B 113 7.44 -32.70 18.77
N THR B 114 8.16 -33.29 19.72
CA THR B 114 8.46 -32.60 20.97
C THR B 114 9.92 -32.75 21.35
N ALA B 115 10.38 -31.83 22.19
CA ALA B 115 11.74 -31.89 22.68
C ALA B 115 11.83 -31.11 23.99
N LYS B 116 12.87 -31.42 24.78
CA LYS B 116 13.10 -30.71 26.02
C LYS B 116 14.07 -29.54 25.86
N THR B 117 14.76 -29.45 24.73
CA THR B 117 15.62 -28.33 24.40
C THR B 117 15.23 -27.82 23.02
N PRO B 118 15.52 -26.54 22.72
CA PRO B 118 14.96 -25.95 21.49
C PRO B 118 15.39 -26.62 20.19
N CYS B 119 16.63 -27.09 20.05
CA CYS B 119 16.99 -27.76 18.81
C CYS B 119 16.83 -29.27 18.89
N GLY B 120 16.31 -29.79 19.99
CA GLY B 120 16.09 -31.20 20.12
C GLY B 120 17.38 -32.00 20.09
N PRO B 121 17.44 -33.06 19.26
CA PRO B 121 16.44 -33.49 18.28
C PRO B 121 15.06 -33.83 18.85
N TYR B 122 14.04 -33.63 18.04
CA TYR B 122 12.66 -33.81 18.44
C TYR B 122 12.21 -35.25 18.23
N THR B 123 11.22 -35.67 19.02
CA THR B 123 10.64 -36.99 18.90
C THR B 123 9.25 -36.89 18.29
N TYR B 124 9.01 -37.68 17.26
CA TYR B 124 7.79 -37.62 16.47
C TYR B 124 6.62 -38.22 17.25
N LYS B 125 5.51 -37.48 17.30
CA LYS B 125 4.30 -37.91 17.98
C LYS B 125 3.20 -38.38 17.03
N GLY B 126 3.46 -38.39 15.73
CA GLY B 126 2.52 -38.88 14.74
C GLY B 126 1.85 -37.73 14.00
N SER B 127 1.23 -38.10 12.87
CA SER B 127 0.48 -37.18 12.04
C SER B 127 -1.01 -37.51 12.07
N PHE B 128 -1.84 -36.49 11.85
CA PHE B 128 -3.29 -36.63 11.91
C PHE B 128 -3.96 -35.49 11.16
N LYS B 129 -5.25 -35.65 10.90
CA LYS B 129 -6.05 -34.58 10.29
C LYS B 129 -6.75 -33.78 11.39
N PRO B 130 -6.49 -32.47 11.50
CA PRO B 130 -7.10 -31.69 12.59
C PRO B 130 -8.62 -31.65 12.47
N LEU B 131 -9.29 -32.06 13.56
CA LEU B 131 -10.75 -32.15 13.58
C LEU B 131 -11.27 -33.03 12.44
N GLY B 132 -10.45 -33.97 11.99
CA GLY B 132 -10.79 -34.84 10.89
C GLY B 132 -10.81 -34.21 9.51
N ALA B 133 -10.42 -32.95 9.38
CA ALA B 133 -10.46 -32.24 8.10
C ALA B 133 -9.04 -31.98 7.59
N ASP B 134 -8.97 -31.49 6.35
CA ASP B 134 -7.68 -31.27 5.72
C ASP B 134 -6.90 -30.17 6.44
N SER B 135 -5.58 -30.33 6.44
CA SER B 135 -4.64 -29.27 6.78
C SER B 135 -3.49 -29.36 5.81
N ARG B 136 -3.22 -28.28 5.08
CA ARG B 136 -2.02 -28.24 4.24
C ARG B 136 -1.06 -27.17 4.76
N ASP B 137 -0.92 -26.04 4.09
CA ASP B 137 -0.10 -24.98 4.67
C ASP B 137 -0.66 -24.64 6.04
N GLU B 138 0.22 -24.48 7.02
CA GLU B 138 -0.22 -24.18 8.38
C GLU B 138 0.77 -23.24 9.05
N SER B 139 0.31 -22.63 10.14
CA SER B 139 1.21 -22.04 11.11
C SER B 139 0.63 -22.24 12.51
N ILE B 140 1.43 -21.90 13.52
CA ILE B 140 1.03 -21.96 14.92
C ILE B 140 1.19 -20.56 15.49
N PHE B 141 0.15 -20.09 16.17
CA PHE B 141 0.19 -18.79 16.85
C PHE B 141 -0.07 -19.00 18.33
N GLN B 142 0.82 -18.45 19.16
CA GLN B 142 0.69 -18.53 20.62
C GLN B 142 0.31 -17.16 21.12
N ASP B 143 -0.88 -17.05 21.71
CA ASP B 143 -1.40 -15.76 22.13
C ASP B 143 -0.70 -15.30 23.39
N ASP B 144 -0.85 -14.01 23.68
CA ASP B 144 -0.27 -13.39 24.87
C ASP B 144 -1.27 -13.27 26.00
N ASP B 145 -2.26 -14.16 26.05
CA ASP B 145 -3.16 -14.26 27.18
C ASP B 145 -2.48 -15.01 28.33
N SER B 146 -3.16 -15.07 29.46
CA SER B 146 -2.55 -15.67 30.65
C SER B 146 -2.21 -17.13 30.41
N ALA B 147 -3.13 -17.89 29.80
CA ALA B 147 -2.94 -19.31 29.58
C ALA B 147 -1.99 -19.61 28.41
N GLN B 148 -1.53 -18.59 27.69
CA GLN B 148 -0.70 -18.78 26.50
C GLN B 148 -1.35 -19.76 25.52
N THR B 149 -2.61 -19.48 25.21
CA THR B 149 -3.39 -20.34 24.33
C THR B 149 -2.82 -20.29 22.94
N ALA B 150 -2.72 -21.46 22.31
CA ALA B 150 -2.13 -21.58 20.98
C ALA B 150 -3.20 -22.02 19.98
N TYR B 151 -2.92 -21.72 18.71
CA TYR B 151 -3.88 -21.90 17.63
C TYR B 151 -3.16 -22.42 16.40
N LEU B 152 -3.81 -23.37 15.71
CA LEU B 152 -3.43 -23.79 14.38
C LEU B 152 -4.11 -22.88 13.37
N LEU B 153 -3.34 -22.34 12.44
CA LEU B 153 -3.84 -21.56 11.31
C LEU B 153 -3.59 -22.40 10.07
N TYR B 154 -4.62 -22.67 9.27
CA TYR B 154 -4.40 -23.69 8.24
C TYR B 154 -5.36 -23.58 7.07
N ALA B 155 -4.83 -23.92 5.89
CA ALA B 155 -5.64 -24.13 4.69
C ALA B 155 -6.29 -25.50 4.78
N SER B 156 -7.61 -25.53 4.73
CA SER B 156 -8.39 -26.76 4.88
C SER B 156 -9.31 -26.95 3.68
N ASP B 157 -10.00 -28.10 3.66
CA ASP B 157 -11.00 -28.41 2.64
C ASP B 157 -10.47 -28.17 1.22
N ASN B 158 -9.42 -28.92 0.87
CA ASN B 158 -8.79 -28.84 -0.44
C ASN B 158 -8.34 -27.41 -0.75
N ASN B 159 -7.82 -26.74 0.28
CA ASN B 159 -7.29 -25.37 0.26
C ASN B 159 -8.39 -24.31 0.10
N GLN B 160 -9.66 -24.68 0.09
CA GLN B 160 -10.68 -23.68 -0.20
C GLN B 160 -11.08 -22.86 1.02
N ASN B 161 -11.03 -23.45 2.22
CA ASN B 161 -11.55 -22.82 3.42
C ASN B 161 -10.42 -22.63 4.42
N PHE B 162 -10.24 -21.40 4.87
CA PHE B 162 -9.14 -21.08 5.78
C PHE B 162 -9.62 -21.13 7.22
N LYS B 163 -8.92 -21.91 8.05
CA LYS B 163 -9.38 -22.17 9.41
C LYS B 163 -8.39 -21.71 10.47
N ILE B 164 -8.94 -21.26 11.58
CA ILE B 164 -8.18 -21.03 12.80
C ILE B 164 -8.83 -21.87 13.89
N SER B 165 -8.04 -22.73 14.54
CA SER B 165 -8.58 -23.67 15.51
C SER B 165 -7.66 -23.69 16.72
N ARG B 166 -8.25 -23.84 17.91
CA ARG B 166 -7.50 -23.80 19.15
C ARG B 166 -6.81 -25.13 19.42
N LEU B 167 -5.64 -25.06 20.04
CA LEU B 167 -4.94 -26.26 20.48
C LEU B 167 -5.29 -26.56 21.93
N ASP B 168 -5.15 -27.82 22.31
CA ASP B 168 -5.30 -28.18 23.71
C ASP B 168 -4.14 -27.63 24.53
N ALA B 169 -4.23 -27.79 25.84
CA ALA B 169 -3.27 -27.19 26.75
C ALA B 169 -1.89 -27.85 26.71
N ASN B 170 -1.77 -29.01 26.06
CA ASN B 170 -0.47 -29.61 25.81
C ASN B 170 0.13 -29.16 24.48
N TYR B 171 -0.63 -28.48 23.63
CA TYR B 171 -0.25 -28.23 22.24
C TYR B 171 -0.06 -29.52 21.45
N TYR B 172 -0.79 -30.57 21.81
CA TYR B 172 -0.65 -31.86 21.14
C TYR B 172 -1.71 -32.13 20.10
N ASN B 173 -2.86 -31.45 20.19
CA ASN B 173 -3.97 -31.72 19.31
C ASN B 173 -4.81 -30.46 19.18
N VAL B 174 -5.69 -30.48 18.17
CA VAL B 174 -6.62 -29.39 17.91
C VAL B 174 -7.94 -29.74 18.58
N THR B 175 -8.53 -28.76 19.28
CA THR B 175 -9.76 -28.99 20.03
C THR B 175 -11.01 -28.53 19.31
N ALA B 176 -11.01 -27.31 18.75
CA ALA B 176 -12.25 -26.77 18.18
C ALA B 176 -11.92 -25.62 17.25
N GLN B 177 -12.77 -25.46 16.24
CA GLN B 177 -12.65 -24.34 15.30
C GLN B 177 -12.96 -23.03 16.02
N VAL B 178 -12.18 -22.00 15.69
CA VAL B 178 -12.36 -20.65 16.22
C VAL B 178 -12.93 -19.72 15.15
N SER B 179 -12.42 -19.79 13.93
CA SER B 179 -12.92 -18.99 12.84
C SER B 179 -12.68 -19.74 11.55
N VAL B 180 -13.56 -19.53 10.58
CA VAL B 180 -13.40 -20.09 9.24
C VAL B 180 -13.69 -18.99 8.23
N MET B 181 -12.89 -18.95 7.17
CA MET B 181 -13.17 -18.09 6.03
C MET B 181 -13.46 -19.03 4.87
N ASN B 182 -14.74 -19.29 4.62
CA ASN B 182 -15.11 -20.23 3.58
C ASN B 182 -14.84 -19.65 2.20
N GLY B 183 -14.26 -20.47 1.32
CA GLY B 183 -14.00 -20.04 -0.04
C GLY B 183 -12.86 -19.05 -0.19
N ALA B 184 -12.08 -18.83 0.86
CA ALA B 184 -11.08 -17.77 0.84
C ALA B 184 -9.80 -18.15 0.10
N THR B 185 -9.56 -19.44 -0.11
CA THR B 185 -8.37 -19.95 -0.81
C THR B 185 -7.08 -19.30 -0.32
N LEU B 186 -6.87 -19.34 0.99
CA LEU B 186 -5.70 -18.75 1.61
C LEU B 186 -4.76 -19.84 2.07
N GLU B 187 -3.46 -19.55 1.99
CA GLU B 187 -2.46 -20.45 2.53
C GLU B 187 -1.31 -19.62 3.06
N ALA B 188 -0.17 -20.29 3.34
CA ALA B 188 0.99 -19.64 3.93
C ALA B 188 0.64 -18.62 5.03
N PRO B 189 -0.12 -19.01 6.05
CA PRO B 189 -0.55 -18.02 7.06
C PRO B 189 0.50 -17.72 8.12
N GLY B 190 0.30 -16.56 8.74
CA GLY B 190 0.95 -16.21 10.00
C GLY B 190 0.14 -15.13 10.67
N ILE B 191 0.23 -15.04 12.00
CA ILE B 191 -0.46 -13.99 12.73
C ILE B 191 0.53 -13.25 13.61
N VAL B 192 0.42 -11.92 13.63
CA VAL B 192 1.10 -11.07 14.60
C VAL B 192 0.08 -10.07 15.14
N LYS B 193 0.31 -9.63 16.36
CA LYS B 193 -0.57 -8.65 16.97
C LYS B 193 0.03 -7.24 16.88
N HIS B 194 -0.88 -6.26 16.85
CA HIS B 194 -0.48 -4.86 16.90
C HIS B 194 -1.59 -4.08 17.56
N ASN B 195 -1.24 -3.29 18.58
CA ASN B 195 -2.18 -2.41 19.25
C ASN B 195 -3.44 -3.17 19.71
N GLY B 196 -3.22 -4.39 20.19
CA GLY B 196 -4.31 -5.22 20.70
C GLY B 196 -5.09 -6.00 19.67
N GLU B 197 -4.87 -5.75 18.39
CA GLU B 197 -5.59 -6.40 17.31
C GLU B 197 -4.73 -7.53 16.72
N TYR B 198 -5.40 -8.55 16.19
CA TYR B 198 -4.74 -9.65 15.50
C TYR B 198 -4.67 -9.35 14.01
N PHE B 199 -3.50 -9.61 13.42
CA PHE B 199 -3.31 -9.41 11.98
C PHE B 199 -2.87 -10.73 11.35
N LEU B 200 -3.69 -11.23 10.44
CA LEU B 200 -3.38 -12.43 9.66
C LEU B 200 -2.73 -12.02 8.35
N ILE B 201 -1.59 -12.63 8.04
CA ILE B 201 -0.92 -12.50 6.75
C ILE B 201 -1.01 -13.84 6.05
N ALA B 202 -1.39 -13.83 4.77
CA ALA B 202 -1.55 -15.09 4.05
C ALA B 202 -1.40 -14.84 2.56
N SER B 203 -1.03 -15.89 1.83
CA SER B 203 -1.05 -15.85 0.37
C SER B 203 -2.36 -16.44 -0.14
N HIS B 204 -2.62 -16.22 -1.42
CA HIS B 204 -3.62 -17.02 -2.10
C HIS B 204 -2.99 -18.32 -2.59
N THR B 205 -3.76 -19.12 -3.31
CA THR B 205 -3.31 -20.46 -3.73
C THR B 205 -2.98 -20.39 -5.21
N SER B 206 -1.69 -20.22 -5.53
CA SER B 206 -1.22 -20.21 -6.91
C SER B 206 -0.05 -21.18 -7.10
N GLY B 207 -0.06 -22.28 -6.38
CA GLY B 207 1.01 -23.25 -6.50
C GLY B 207 2.34 -22.65 -6.08
N TRP B 208 3.37 -22.96 -6.88
CA TRP B 208 4.71 -22.45 -6.61
C TRP B 208 4.84 -20.97 -6.97
N ALA B 209 4.00 -20.46 -7.86
CA ALA B 209 4.16 -19.09 -8.33
C ALA B 209 3.78 -18.13 -7.21
N PRO B 210 4.51 -17.02 -7.06
CA PRO B 210 4.15 -16.03 -6.03
C PRO B 210 2.87 -15.30 -6.43
N ASN B 211 2.20 -14.76 -5.42
CA ASN B 211 1.00 -13.97 -5.66
C ASN B 211 0.96 -12.86 -4.62
N PRO B 212 0.10 -11.84 -4.82
CA PRO B 212 0.02 -10.76 -3.82
C PRO B 212 -0.50 -11.25 -2.48
N ASN B 213 0.36 -11.24 -1.46
CA ASN B 213 -0.08 -11.69 -0.15
C ASN B 213 -0.91 -10.60 0.53
N LYS B 214 -1.80 -11.02 1.42
CA LYS B 214 -2.83 -10.17 1.96
C LYS B 214 -2.74 -10.13 3.48
N TRP B 215 -3.30 -9.07 4.05
CA TRP B 215 -3.49 -8.95 5.48
C TRP B 215 -4.96 -8.77 5.81
N PHE B 216 -5.32 -9.21 7.01
CA PHE B 216 -6.66 -9.16 7.57
C PHE B 216 -6.49 -8.84 9.05
N SER B 217 -7.44 -8.11 9.62
CA SER B 217 -7.35 -7.80 11.04
C SER B 217 -8.66 -8.10 11.75
N ALA B 218 -8.54 -8.37 13.05
CA ALA B 218 -9.71 -8.65 13.88
C ALA B 218 -9.37 -8.36 15.33
N SER B 219 -10.41 -8.03 16.11
CA SER B 219 -10.22 -7.82 17.55
C SER B 219 -10.23 -9.13 18.32
N SER B 220 -10.64 -10.22 17.68
CA SER B 220 -10.66 -11.54 18.29
C SER B 220 -10.32 -12.55 17.20
N LEU B 221 -9.67 -13.65 17.59
CA LEU B 221 -9.35 -14.68 16.61
C LEU B 221 -10.60 -15.29 16.00
N ALA B 222 -11.76 -15.15 16.65
CA ALA B 222 -13.02 -15.61 16.08
C ALA B 222 -13.56 -14.70 14.99
N GLY B 223 -12.94 -13.55 14.76
CA GLY B 223 -13.46 -12.59 13.82
C GLY B 223 -14.39 -11.63 14.50
N PRO B 224 -15.07 -10.78 13.73
CA PRO B 224 -15.01 -10.70 12.26
C PRO B 224 -13.69 -10.17 11.75
N TRP B 225 -13.19 -10.78 10.69
CA TRP B 225 -11.96 -10.37 10.04
C TRP B 225 -12.28 -9.38 8.92
N SER B 226 -11.46 -8.34 8.83
CA SER B 226 -11.58 -7.39 7.73
C SER B 226 -11.35 -8.09 6.40
N ALA B 227 -11.82 -7.48 5.33
CA ALA B 227 -11.58 -8.03 4.00
C ALA B 227 -10.12 -7.84 3.61
N GLN B 228 -9.62 -8.77 2.81
CA GLN B 228 -8.22 -8.78 2.41
C GLN B 228 -7.75 -7.44 1.85
N GLN B 229 -6.52 -7.09 2.21
CA GLN B 229 -5.81 -5.94 1.68
C GLN B 229 -4.37 -6.35 1.35
N ASP B 230 -3.76 -5.65 0.40
CA ASP B 230 -2.39 -5.97 -0.02
C ASP B 230 -1.38 -5.52 1.02
N ILE B 231 -0.34 -6.34 1.22
CA ILE B 231 0.82 -5.90 1.99
C ILE B 231 1.93 -5.33 1.13
N ALA B 232 1.83 -5.43 -0.19
CA ALA B 232 2.88 -4.95 -1.09
C ALA B 232 2.21 -4.61 -2.41
N PRO B 233 2.90 -3.87 -3.28
CA PRO B 233 2.29 -3.55 -4.59
C PRO B 233 1.92 -4.83 -5.33
N SER B 234 0.65 -4.92 -5.74
CA SER B 234 0.11 -6.20 -6.18
C SER B 234 0.87 -6.76 -7.38
N ALA B 235 1.30 -5.89 -8.31
CA ALA B 235 1.96 -6.39 -9.50
C ALA B 235 3.25 -7.12 -9.17
N THR B 236 3.88 -6.80 -8.04
CA THR B 236 5.16 -7.42 -7.68
C THR B 236 5.02 -8.81 -7.09
N ARG B 237 3.78 -9.26 -6.78
CA ARG B 237 3.57 -10.59 -6.21
C ARG B 237 4.39 -10.74 -4.92
N THR B 238 4.17 -9.80 -3.99
CA THR B 238 4.89 -9.73 -2.72
C THR B 238 6.40 -9.63 -2.93
N TRP B 239 6.78 -8.79 -3.89
CA TRP B 239 8.18 -8.65 -4.27
C TRP B 239 8.78 -10.02 -4.55
N TYR B 240 8.00 -10.85 -5.25
CA TYR B 240 8.32 -12.25 -5.56
C TYR B 240 8.67 -13.04 -4.29
N SER B 241 7.64 -13.31 -3.50
CA SER B 241 7.83 -14.14 -2.33
C SER B 241 6.48 -14.67 -1.89
N GLN B 242 6.53 -15.54 -0.88
CA GLN B 242 5.35 -16.10 -0.23
C GLN B 242 5.60 -16.10 1.26
N ASN B 243 4.61 -15.65 2.03
CA ASN B 243 4.73 -15.56 3.49
C ASN B 243 5.21 -16.89 4.09
N ALA B 244 6.05 -16.77 5.12
CA ALA B 244 6.47 -17.94 5.88
C ALA B 244 6.31 -17.70 7.38
N PHE B 245 6.81 -16.56 7.89
CA PHE B 245 6.71 -16.29 9.31
C PHE B 245 6.68 -14.78 9.50
N ASP B 246 5.88 -14.33 10.45
CA ASP B 246 5.72 -12.91 10.73
C ASP B 246 6.16 -12.68 12.18
N LEU B 247 7.36 -12.14 12.35
CA LEU B 247 8.00 -12.08 13.68
C LEU B 247 7.78 -10.71 14.29
N PRO B 248 7.21 -10.60 15.50
CA PRO B 248 7.06 -9.28 16.11
C PRO B 248 8.40 -8.62 16.32
N LEU B 249 8.41 -7.29 16.18
CA LEU B 249 9.61 -6.48 16.34
C LEU B 249 9.14 -5.13 16.86
N GLY B 250 9.33 -4.88 18.15
CA GLY B 250 8.79 -3.66 18.73
C GLY B 250 7.29 -3.65 18.55
N SER B 251 6.75 -2.53 18.07
CA SER B 251 5.33 -2.49 17.74
C SER B 251 5.07 -2.78 16.26
N ASN B 252 6.09 -3.25 15.55
CA ASN B 252 5.95 -3.64 14.15
C ASN B 252 6.27 -5.12 14.02
N ALA B 253 6.77 -5.54 12.86
CA ALA B 253 7.12 -6.94 12.67
C ALA B 253 8.13 -7.06 11.54
N ILE B 254 8.61 -8.29 11.36
CA ILE B 254 9.44 -8.65 10.22
C ILE B 254 8.65 -9.65 9.39
N TYR B 255 8.42 -9.30 8.11
CA TYR B 255 7.88 -10.25 7.15
C TYR B 255 9.02 -11.17 6.71
N MET B 256 8.84 -12.48 6.93
CA MET B 256 9.80 -13.48 6.45
C MET B 256 9.10 -14.35 5.44
N GLY B 257 9.55 -14.28 4.19
CA GLY B 257 8.96 -15.06 3.11
C GLY B 257 10.00 -15.93 2.41
N ASP B 258 9.50 -16.83 1.57
CA ASP B 258 10.33 -17.69 0.73
C ASP B 258 10.17 -17.25 -0.71
N ARG B 259 11.27 -17.23 -1.45
CA ARG B 259 11.23 -17.15 -2.92
C ARG B 259 11.44 -18.56 -3.44
N TRP B 260 10.36 -19.27 -3.69
CA TRP B 260 10.46 -20.66 -4.11
C TRP B 260 10.97 -20.76 -5.53
N ARG B 261 11.96 -21.64 -5.73
CA ARG B 261 12.50 -21.92 -7.07
C ARG B 261 12.24 -23.39 -7.37
N PRO B 262 11.10 -23.73 -7.98
CA PRO B 262 10.76 -25.15 -8.15
C PRO B 262 11.75 -25.97 -8.96
N SER B 263 12.45 -25.37 -9.92
CA SER B 263 13.42 -26.14 -10.69
C SER B 263 14.74 -26.34 -9.94
N LEU B 264 14.94 -25.65 -8.82
CA LEU B 264 16.18 -25.75 -8.06
C LEU B 264 15.85 -25.39 -6.63
N LEU B 265 15.14 -26.28 -5.95
CA LEU B 265 14.49 -25.91 -4.70
C LEU B 265 15.48 -25.54 -3.61
N GLY B 266 16.66 -26.16 -3.59
CA GLY B 266 17.63 -25.80 -2.58
C GLY B 266 18.19 -24.41 -2.71
N SER B 267 17.91 -23.73 -3.82
CA SER B 267 18.33 -22.36 -4.04
C SER B 267 17.20 -21.36 -3.86
N SER B 268 16.04 -21.81 -3.37
CA SER B 268 14.98 -20.90 -2.98
C SER B 268 15.54 -19.91 -1.96
N ARG B 269 15.17 -18.64 -2.11
CA ARG B 269 15.79 -17.59 -1.31
C ARG B 269 14.86 -17.13 -0.18
N TYR B 270 15.42 -16.26 0.67
CA TYR B 270 14.74 -15.76 1.86
C TYR B 270 14.50 -14.27 1.67
N ILE B 271 13.23 -13.88 1.73
CA ILE B 271 12.80 -12.52 1.46
C ILE B 271 12.28 -11.98 2.80
N TRP B 272 13.11 -11.17 3.47
CA TRP B 272 12.81 -10.63 4.78
C TRP B 272 12.79 -9.12 4.68
N TYR B 273 11.66 -8.52 5.06
CA TYR B 273 11.53 -7.07 5.05
C TYR B 273 10.85 -6.61 6.32
N PRO B 274 11.08 -5.36 6.73
CA PRO B 274 10.25 -4.79 7.80
C PRO B 274 8.80 -4.75 7.37
N LEU B 275 7.91 -5.03 8.31
CA LEU B 275 6.47 -4.90 8.14
C LEU B 275 6.06 -3.73 9.05
N ASP B 276 5.77 -2.59 8.44
CA ASP B 276 5.51 -1.35 9.16
C ASP B 276 4.02 -1.27 9.49
N PHE B 277 3.71 -1.14 10.78
CA PHE B 277 2.34 -1.02 11.27
C PHE B 277 1.99 0.38 11.73
N SER B 278 2.87 1.37 11.49
CA SER B 278 2.66 2.72 12.00
C SER B 278 1.27 3.23 11.67
N SER B 279 0.86 3.08 10.41
CA SER B 279 -0.41 3.60 9.90
C SER B 279 -1.62 2.81 10.37
N GLY B 280 -1.42 1.68 11.06
CA GLY B 280 -2.51 0.77 11.38
C GLY B 280 -2.79 -0.26 10.32
N ALA B 281 -2.19 -0.12 9.13
CA ALA B 281 -2.39 -1.03 8.01
C ALA B 281 -1.02 -1.53 7.61
N PRO B 282 -0.66 -2.78 7.94
CA PRO B 282 0.72 -3.24 7.71
C PRO B 282 1.09 -3.15 6.24
N GLN B 283 2.35 -2.78 5.99
CA GLN B 283 2.86 -2.79 4.64
C GLN B 283 4.33 -3.18 4.68
N ILE B 284 4.75 -3.99 3.71
CA ILE B 284 6.16 -4.29 3.56
C ILE B 284 6.92 -3.02 3.22
N VAL B 285 8.01 -2.78 3.95
CA VAL B 285 8.97 -1.75 3.58
C VAL B 285 9.96 -2.40 2.63
N HIS B 286 9.95 -1.98 1.37
CA HIS B 286 10.80 -2.63 0.37
C HIS B 286 12.21 -2.10 0.51
N ALA B 287 13.01 -2.77 1.33
CA ALA B 287 14.35 -2.34 1.68
C ALA B 287 15.32 -3.41 1.17
N ASP B 288 16.08 -3.08 0.12
CA ASP B 288 17.02 -4.05 -0.42
C ASP B 288 18.05 -4.42 0.64
N VAL B 289 18.37 -3.50 1.54
CA VAL B 289 19.40 -3.69 2.55
C VAL B 289 18.91 -2.99 3.83
N TRP B 290 18.79 -3.74 4.92
CA TRP B 290 18.34 -3.13 6.16
C TRP B 290 18.96 -3.85 7.34
N SER B 291 18.94 -3.17 8.49
N SER B 291 18.93 -3.18 8.49
CA SER B 291 19.47 -3.72 9.72
C SER B 291 18.38 -3.74 10.78
N VAL B 292 18.55 -4.63 11.75
CA VAL B 292 17.58 -4.78 12.84
C VAL B 292 18.30 -4.61 14.17
N ASN B 293 17.65 -3.93 15.10
CA ASN B 293 18.11 -3.81 16.49
C ASN B 293 17.13 -4.64 17.31
N VAL B 294 17.53 -5.88 17.62
N VAL B 294 17.53 -5.88 17.62
CA VAL B 294 16.62 -6.78 18.31
C VAL B 294 16.33 -6.30 19.73
N GLN B 295 17.33 -5.71 20.40
CA GLN B 295 17.13 -5.26 21.77
C GLN B 295 16.12 -4.14 21.86
N ALA B 296 16.23 -3.14 20.97
CA ALA B 296 15.32 -1.99 21.00
C ALA B 296 14.03 -2.26 20.25
N GLY B 297 13.98 -3.30 19.42
CA GLY B 297 12.79 -3.63 18.68
C GLY B 297 12.56 -2.72 17.49
N THR B 298 13.64 -2.34 16.81
CA THR B 298 13.55 -1.39 15.70
C THR B 298 14.33 -1.91 14.49
N TYR B 299 14.11 -1.25 13.37
CA TYR B 299 14.81 -1.52 12.13
C TYR B 299 15.29 -0.22 11.51
N SER B 300 16.28 -0.34 10.63
CA SER B 300 16.86 0.80 9.97
C SER B 300 17.14 0.40 8.52
N VAL B 301 16.62 1.18 7.59
CA VAL B 301 16.79 0.92 6.17
C VAL B 301 18.04 1.63 5.68
N ALA B 302 18.88 0.91 4.95
CA ALA B 302 20.09 1.51 4.41
C ALA B 302 19.76 2.42 3.23
N SER B 303 20.46 3.54 3.15
CA SER B 303 20.36 4.44 2.02
C SER B 303 21.41 4.06 1.00
N GLY B 304 21.06 4.19 -0.28
CA GLY B 304 21.99 3.89 -1.35
C GLY B 304 21.98 4.99 -2.39
N THR B 305 22.83 4.80 -3.40
CA THR B 305 22.93 5.73 -4.52
C THR B 305 22.45 5.03 -5.77
N SER B 306 21.52 5.67 -6.48
CA SER B 306 20.86 5.09 -7.63
C SER B 306 21.53 5.55 -8.92
N TYR B 307 21.67 4.61 -9.86
CA TYR B 307 22.23 4.87 -11.19
C TYR B 307 21.28 4.27 -12.20
N GLU B 308 20.77 5.07 -13.13
CA GLU B 308 19.88 4.56 -14.17
C GLU B 308 20.67 3.82 -15.24
N ALA B 309 20.16 2.65 -15.64
CA ALA B 309 20.87 1.86 -16.64
C ALA B 309 20.93 2.58 -17.99
N GLU B 310 19.87 3.32 -18.32
CA GLU B 310 19.80 4.01 -19.60
C GLU B 310 20.81 5.14 -19.73
N ASN B 311 21.42 5.58 -18.61
CA ASN B 311 22.47 6.57 -18.64
C ASN B 311 23.85 5.94 -18.76
N GLY B 312 23.93 4.62 -18.82
CA GLY B 312 25.20 3.95 -18.96
C GLY B 312 25.67 3.88 -20.40
N GLN B 313 26.85 3.31 -20.58
CA GLN B 313 27.46 3.17 -21.89
C GLN B 313 27.10 1.81 -22.46
N ARG B 314 26.29 1.81 -23.50
CA ARG B 314 25.87 0.55 -24.12
C ARG B 314 26.96 0.02 -25.05
N GLY B 315 27.01 -1.31 -25.14
CA GLY B 315 27.86 -1.97 -26.11
C GLY B 315 27.09 -3.08 -26.80
N GLY B 316 27.59 -3.46 -27.98
CA GLY B 316 26.79 -4.42 -28.72
C GLY B 316 25.47 -3.81 -29.15
N SER B 317 24.45 -4.67 -29.31
CA SER B 317 23.15 -4.21 -29.79
C SER B 317 22.12 -4.05 -28.68
N SER B 318 22.54 -3.73 -27.46
CA SER B 318 21.58 -3.41 -26.42
C SER B 318 20.85 -2.11 -26.77
N THR B 319 19.61 -2.01 -26.30
CA THR B 319 18.68 -0.96 -26.72
C THR B 319 18.17 -0.21 -25.51
N ILE B 320 17.58 0.96 -25.76
CA ILE B 320 16.82 1.69 -24.74
C ILE B 320 15.34 1.36 -24.92
N LEU B 321 14.70 0.92 -23.85
CA LEU B 321 13.28 0.62 -23.83
C LEU B 321 12.55 1.64 -22.96
N SER B 322 11.32 1.95 -23.33
CA SER B 322 10.46 2.83 -22.56
C SER B 322 9.34 2.01 -21.93
N GLY B 323 8.92 2.43 -20.74
CA GLY B 323 7.86 1.74 -20.05
C GLY B 323 7.47 2.40 -18.75
N SER B 324 6.18 2.39 -18.42
CA SER B 324 5.69 3.03 -17.21
C SER B 324 6.11 2.31 -15.93
N GLY B 325 6.61 1.08 -16.04
CA GLY B 325 7.09 0.35 -14.89
C GLY B 325 8.53 0.62 -14.51
N PHE B 326 9.24 1.46 -15.28
CA PHE B 326 10.65 1.70 -15.12
C PHE B 326 10.91 3.06 -14.47
N SER B 327 11.91 3.08 -13.57
CA SER B 327 12.47 4.34 -13.11
C SER B 327 12.94 5.20 -14.28
N GLY B 328 12.57 6.48 -14.26
CA GLY B 328 12.89 7.35 -15.36
C GLY B 328 12.16 7.03 -16.66
N GLY B 329 11.21 6.10 -16.63
CA GLY B 329 10.48 5.71 -17.81
C GLY B 329 11.27 4.90 -18.81
N LYS B 330 12.50 4.49 -18.48
CA LYS B 330 13.38 3.85 -19.45
C LYS B 330 14.16 2.72 -18.79
N ALA B 331 14.58 1.76 -19.62
CA ALA B 331 15.41 0.64 -19.20
C ALA B 331 16.30 0.29 -20.37
N VAL B 332 17.25 -0.62 -20.14
CA VAL B 332 18.14 -1.12 -21.19
C VAL B 332 17.73 -2.54 -21.50
N GLY B 333 17.42 -2.79 -22.78
CA GLY B 333 17.03 -4.09 -23.24
C GLY B 333 18.08 -4.68 -24.18
N TYR B 334 17.78 -5.89 -24.64
CA TYR B 334 18.70 -6.65 -25.50
C TYR B 334 20.09 -6.77 -24.85
N LEU B 335 20.09 -7.00 -23.54
CA LEU B 335 21.31 -7.30 -22.81
C LEU B 335 21.56 -8.80 -22.86
N GLY B 336 22.83 -9.16 -22.84
CA GLY B 336 23.22 -10.54 -23.12
C GLY B 336 23.09 -10.80 -24.60
N HIS B 337 23.49 -12.01 -25.00
CA HIS B 337 23.49 -12.36 -26.41
C HIS B 337 24.21 -11.29 -27.23
N GLY B 338 25.28 -10.74 -26.66
CA GLY B 338 26.12 -9.76 -27.30
C GLY B 338 25.93 -8.32 -26.82
N GLY B 339 24.83 -8.01 -26.14
CA GLY B 339 24.55 -6.65 -25.72
C GLY B 339 24.95 -6.39 -24.27
N THR B 340 25.55 -5.23 -24.04
CA THR B 340 26.03 -4.86 -22.72
C THR B 340 25.63 -3.44 -22.37
N VAL B 341 25.70 -3.12 -21.08
CA VAL B 341 25.70 -1.72 -20.63
C VAL B 341 26.67 -1.60 -19.46
N THR B 342 27.44 -0.53 -19.46
CA THR B 342 28.41 -0.26 -18.41
C THR B 342 27.99 1.01 -17.68
N ILE B 343 27.84 0.90 -16.37
CA ILE B 343 27.54 2.05 -15.53
C ILE B 343 28.86 2.55 -14.98
N ASN B 344 29.19 3.80 -15.28
CA ASN B 344 30.45 4.40 -14.90
C ASN B 344 30.26 5.37 -13.75
N ASN B 345 31.39 5.77 -13.15
CA ASN B 345 31.40 6.74 -12.06
C ASN B 345 30.56 6.26 -10.87
N VAL B 346 30.61 4.95 -10.61
CA VAL B 346 29.95 4.41 -9.43
C VAL B 346 30.87 4.68 -8.24
N GLN B 347 30.46 5.58 -7.37
CA GLN B 347 31.28 6.02 -6.25
C GLN B 347 31.22 5.02 -5.10
N SER B 348 32.32 4.92 -4.37
CA SER B 348 32.43 3.99 -3.25
C SER B 348 33.46 4.51 -2.28
N ASN B 349 33.28 4.16 -1.01
CA ASN B 349 34.35 4.32 -0.03
C ASN B 349 35.27 3.11 0.00
N GLY B 350 35.01 2.09 -0.82
CA GLY B 350 35.83 0.92 -0.92
C GLY B 350 35.23 -0.26 -0.16
N GLY B 351 35.82 -1.42 -0.40
CA GLY B 351 35.39 -2.64 0.27
C GLY B 351 34.18 -3.25 -0.42
N SER B 352 33.56 -4.20 0.29
CA SER B 352 32.42 -4.93 -0.26
C SER B 352 31.14 -4.11 -0.10
N HIS B 353 30.35 -4.04 -1.17
CA HIS B 353 29.10 -3.30 -1.13
C HIS B 353 28.00 -4.12 -1.78
N TRP B 354 26.82 -4.08 -1.18
CA TRP B 354 25.66 -4.69 -1.79
C TRP B 354 25.11 -3.76 -2.86
N VAL B 355 24.79 -4.34 -4.02
CA VAL B 355 24.24 -3.59 -5.14
C VAL B 355 22.95 -4.29 -5.55
N ALA B 356 21.85 -3.53 -5.57
CA ALA B 356 20.56 -4.06 -5.98
C ALA B 356 20.33 -3.75 -7.46
N LEU B 357 20.01 -4.79 -8.23
CA LEU B 357 19.76 -4.66 -9.65
C LEU B 357 18.25 -4.67 -9.85
N TYR B 358 17.70 -3.58 -10.37
CA TYR B 358 16.27 -3.45 -10.66
C TYR B 358 16.05 -3.79 -12.12
N PHE B 359 15.20 -4.78 -12.39
CA PHE B 359 15.01 -5.28 -13.74
C PHE B 359 13.57 -5.73 -13.93
N ALA B 360 13.20 -5.90 -15.20
CA ALA B 360 11.93 -6.52 -15.56
C ALA B 360 12.21 -7.75 -16.41
N ASN B 361 11.43 -8.80 -16.16
CA ASN B 361 11.60 -10.05 -16.90
C ASN B 361 10.21 -10.63 -17.15
N GLY B 362 9.71 -10.43 -18.37
CA GLY B 362 8.38 -10.89 -18.74
C GLY B 362 8.25 -12.36 -19.05
N ASP B 363 9.35 -13.12 -19.05
CA ASP B 363 9.22 -14.56 -19.22
C ASP B 363 8.51 -15.15 -18.00
N SER B 364 8.01 -16.37 -18.16
CA SER B 364 7.51 -17.10 -17.00
C SER B 364 8.62 -17.83 -16.27
N THR B 365 9.86 -17.69 -16.74
CA THR B 365 11.02 -18.40 -16.21
C THR B 365 12.13 -17.39 -15.94
N TYR B 366 13.15 -17.87 -15.23
CA TYR B 366 14.28 -17.03 -14.84
C TYR B 366 15.13 -16.64 -16.04
N ARG B 367 15.71 -15.45 -15.95
CA ARG B 367 16.88 -15.08 -16.73
C ARG B 367 18.03 -14.87 -15.74
N ASN B 368 19.12 -14.27 -16.23
CA ASN B 368 20.27 -13.95 -15.37
C ASN B 368 21.14 -12.98 -16.15
N VAL B 369 22.04 -12.33 -15.43
CA VAL B 369 22.89 -11.31 -16.03
C VAL B 369 24.30 -11.44 -15.48
N THR B 370 25.29 -11.34 -16.36
CA THR B 370 26.68 -11.31 -15.91
C THR B 370 27.03 -9.91 -15.41
N VAL B 371 27.84 -9.85 -14.37
CA VAL B 371 28.23 -8.60 -13.72
C VAL B 371 29.74 -8.61 -13.56
N SER B 372 30.41 -7.60 -14.12
CA SER B 372 31.85 -7.43 -14.08
C SER B 372 32.17 -6.06 -13.50
N VAL B 373 33.05 -6.01 -12.49
CA VAL B 373 33.43 -4.77 -11.85
C VAL B 373 34.84 -4.40 -12.30
N ASN B 374 34.99 -3.19 -12.82
CA ASN B 374 36.28 -2.68 -13.29
C ASN B 374 36.98 -3.68 -14.20
N GLY B 375 36.21 -4.29 -15.10
CA GLY B 375 36.73 -5.22 -16.08
C GLY B 375 37.08 -6.59 -15.55
N GLY B 376 36.82 -6.87 -14.26
CA GLY B 376 37.21 -8.12 -13.66
C GLY B 376 36.33 -9.28 -14.10
N PRO B 377 36.70 -10.48 -13.65
CA PRO B 377 35.90 -11.67 -13.99
C PRO B 377 34.46 -11.53 -13.52
N SER B 378 33.54 -12.01 -14.36
CA SER B 378 32.13 -11.77 -14.12
C SER B 378 31.55 -12.82 -13.18
N VAL B 379 30.50 -12.42 -12.48
CA VAL B 379 29.64 -13.34 -11.74
C VAL B 379 28.26 -13.30 -12.39
N LEU B 380 27.50 -14.36 -12.19
CA LEU B 380 26.18 -14.51 -12.80
C LEU B 380 25.12 -14.30 -11.73
N VAL B 381 24.22 -13.34 -11.97
CA VAL B 381 23.17 -12.99 -11.00
C VAL B 381 21.82 -13.46 -11.55
N ASP B 382 21.10 -14.25 -10.75
CA ASP B 382 19.80 -14.75 -11.18
C ASP B 382 18.76 -13.64 -11.18
N GLN B 383 17.92 -13.65 -12.21
CA GLN B 383 16.86 -12.65 -12.38
C GLN B 383 15.54 -13.38 -12.52
N PRO B 384 14.80 -13.57 -11.43
CA PRO B 384 13.51 -14.28 -11.51
C PRO B 384 12.57 -13.60 -12.48
N ASP B 385 11.59 -14.36 -12.96
CA ASP B 385 10.48 -13.76 -13.69
C ASP B 385 9.87 -12.66 -12.82
N SER B 386 9.69 -11.47 -13.37
CA SER B 386 9.30 -10.36 -12.51
C SER B 386 7.80 -10.15 -12.42
N GLY B 387 7.02 -10.85 -13.24
CA GLY B 387 5.59 -10.65 -13.28
C GLY B 387 5.11 -9.88 -14.49
N GLY B 388 6.02 -9.41 -15.33
CA GLY B 388 5.66 -8.66 -16.51
C GLY B 388 6.84 -7.94 -17.11
N GLY B 389 6.82 -7.71 -18.42
CA GLY B 389 7.86 -6.90 -19.01
C GLY B 389 7.86 -5.47 -18.53
N ASN B 390 6.79 -5.06 -17.86
CA ASN B 390 6.64 -3.72 -17.30
C ASN B 390 6.58 -3.74 -15.77
N VAL B 391 6.99 -4.83 -15.13
CA VAL B 391 6.99 -4.95 -13.67
C VAL B 391 8.43 -5.16 -13.23
N VAL B 392 8.91 -4.28 -12.36
CA VAL B 392 10.30 -4.28 -11.91
C VAL B 392 10.39 -4.81 -10.49
N ILE B 393 11.31 -5.75 -10.27
CA ILE B 393 11.74 -6.17 -8.95
C ILE B 393 13.27 -6.03 -8.89
N SER B 394 13.85 -6.28 -7.70
CA SER B 394 15.29 -6.16 -7.54
C SER B 394 15.90 -7.42 -6.94
N VAL B 395 17.14 -7.71 -7.37
CA VAL B 395 17.95 -8.78 -6.77
C VAL B 395 19.32 -8.22 -6.40
N PRO B 396 19.95 -8.77 -5.35
CA PRO B 396 21.21 -8.23 -4.86
C PRO B 396 22.44 -8.99 -5.33
N VAL B 397 23.56 -8.27 -5.43
CA VAL B 397 24.87 -8.86 -5.66
C VAL B 397 25.89 -8.10 -4.82
N LYS B 398 26.80 -8.82 -4.18
CA LYS B 398 27.84 -8.22 -3.35
C LYS B 398 29.09 -8.01 -4.20
N LEU B 399 29.50 -6.76 -4.34
CA LEU B 399 30.59 -6.39 -5.24
C LEU B 399 31.72 -5.74 -4.45
N ASN B 400 32.95 -6.09 -4.80
CA ASN B 400 34.13 -5.46 -4.22
C ASN B 400 34.46 -4.23 -5.05
N LEU B 401 34.21 -3.06 -4.48
CA LEU B 401 34.47 -1.80 -5.16
C LEU B 401 35.72 -1.16 -4.58
N ASN B 402 36.32 -0.28 -5.37
CA ASN B 402 37.47 0.49 -4.92
C ASN B 402 37.00 1.86 -4.46
N SER B 403 37.76 2.46 -3.54
CA SER B 403 37.45 3.81 -3.11
C SER B 403 37.58 4.77 -4.28
N GLY B 404 36.60 5.66 -4.43
CA GLY B 404 36.55 6.50 -5.61
C GLY B 404 35.59 5.96 -6.64
N GLU B 405 35.91 6.12 -7.92
CA GLU B 405 35.01 5.74 -9.00
C GLU B 405 35.22 4.30 -9.42
N ASN B 406 34.14 3.67 -9.88
CA ASN B 406 34.15 2.29 -10.36
C ASN B 406 33.26 2.19 -11.58
N SER B 407 33.47 1.13 -12.35
CA SER B 407 32.61 0.80 -13.48
C SER B 407 32.04 -0.60 -13.28
N ILE B 408 30.78 -0.78 -13.67
CA ILE B 408 30.12 -2.08 -13.58
C ILE B 408 29.50 -2.38 -14.93
N THR B 409 29.88 -3.51 -15.53
CA THR B 409 29.41 -3.92 -16.85
C THR B 409 28.47 -5.11 -16.72
N PHE B 410 27.34 -5.04 -17.42
CA PHE B 410 26.28 -6.03 -17.36
C PHE B 410 26.08 -6.65 -18.73
N GLY B 411 25.96 -7.98 -18.78
CA GLY B 411 25.55 -8.67 -19.98
C GLY B 411 26.65 -9.23 -20.85
N SER B 412 27.92 -9.01 -20.50
CA SER B 412 29.01 -9.51 -21.35
C SER B 412 29.06 -11.04 -21.34
N GLY B 413 29.48 -11.60 -22.47
CA GLY B 413 29.73 -13.03 -22.59
C GLY B 413 28.56 -13.99 -22.75
N GLN B 414 27.53 -13.83 -21.93
CA GLN B 414 26.44 -14.80 -21.87
C GLN B 414 25.73 -14.92 -23.21
N SER B 415 25.41 -16.15 -23.60
CA SER B 415 24.73 -16.37 -24.86
C SER B 415 23.23 -16.08 -24.78
N ASN B 416 22.66 -16.12 -23.58
CA ASN B 416 21.24 -15.88 -23.38
C ASN B 416 21.00 -14.39 -23.12
N TYR B 417 19.80 -13.92 -23.50
CA TYR B 417 19.40 -12.56 -23.16
C TYR B 417 19.15 -12.45 -21.66
N ALA B 418 19.72 -11.41 -21.06
CA ALA B 418 19.45 -11.07 -19.68
C ALA B 418 18.10 -10.36 -19.56
N ALA B 419 17.67 -10.12 -18.33
CA ALA B 419 16.49 -9.30 -18.15
C ALA B 419 16.79 -7.85 -18.51
N ASP B 420 15.73 -7.08 -18.76
CA ASP B 420 15.90 -5.66 -19.03
C ASP B 420 16.24 -4.91 -17.75
N LEU B 421 17.30 -4.11 -17.80
CA LEU B 421 17.86 -3.49 -16.60
C LEU B 421 17.35 -2.05 -16.50
N ASP B 422 16.67 -1.75 -15.38
CA ASP B 422 16.08 -0.45 -15.14
C ASP B 422 17.07 0.52 -14.47
N LYS B 423 17.65 0.10 -13.35
CA LYS B 423 18.58 0.92 -12.59
C LYS B 423 19.28 -0.02 -11.62
N ILE B 424 20.31 0.51 -10.95
CA ILE B 424 20.96 -0.17 -9.84
C ILE B 424 21.01 0.79 -8.66
N ILE B 425 21.00 0.23 -7.45
CA ILE B 425 21.21 1.02 -6.24
C ILE B 425 22.40 0.44 -5.50
N VAL B 426 23.40 1.27 -5.24
CA VAL B 426 24.63 0.86 -4.60
C VAL B 426 24.57 1.26 -3.14
N TYR B 427 24.71 0.30 -2.24
CA TYR B 427 24.60 0.53 -0.81
C TYR B 427 25.98 0.54 -0.17
#